data_7VEH
#
_entry.id   7VEH
#
_cell.length_a   262.771
_cell.length_b   262.771
_cell.length_c   262.771
_cell.angle_alpha   90.000
_cell.angle_beta   90.000
_cell.angle_gamma   90.000
#
_symmetry.space_group_name_H-M   'F 2 3'
#
_entity_poly.entity_id   1
_entity_poly.type   'polypeptide(L)'
_entity_poly.pdbx_seq_one_letter_code
;AGSMKLLNIKINEFAVTANTEAGDELYLQLPHTPDSQHSINHEPLDDDDFVKEVQEICDEYFGKGDRTLARLSYAGGQAY
DSYTEEDGVYTTNTGDQFVEHSYADYYNVEVYCKADLV
;
_entity_poly.pdbx_strand_id   A,B,C,D,E,F,G,H
#
# COMPACT_ATOMS: atom_id res chain seq x y z
N ALA A 1 1.39 7.36 9.10
CA ALA A 1 0.63 6.59 10.07
C ALA A 1 0.70 5.11 9.75
N GLY A 2 0.58 4.81 8.46
CA GLY A 2 0.31 3.45 8.00
C GLY A 2 1.49 2.53 7.81
N SER A 3 2.71 3.07 7.64
CA SER A 3 3.86 2.24 7.32
C SER A 3 5.06 2.45 8.24
N MET A 4 4.89 3.10 9.38
CA MET A 4 5.94 3.02 10.38
C MET A 4 5.63 1.85 11.31
N LYS A 5 6.67 1.38 12.00
CA LYS A 5 6.58 0.15 12.76
C LYS A 5 6.43 0.47 14.25
N LEU A 6 5.70 -0.39 14.94
CA LEU A 6 5.69 -0.36 16.39
C LEU A 6 6.81 -1.28 16.85
N LEU A 7 7.75 -0.73 17.61
CA LEU A 7 8.92 -1.48 18.01
C LEU A 7 8.86 -1.94 19.46
N ASN A 8 7.99 -1.36 20.28
CA ASN A 8 7.85 -1.82 21.65
C ASN A 8 6.43 -1.60 22.13
N ILE A 9 5.89 -2.58 22.85
CA ILE A 9 4.53 -2.53 23.35
C ILE A 9 4.52 -3.08 24.77
N LYS A 10 3.91 -2.35 25.71
CA LYS A 10 3.76 -2.83 27.08
C LYS A 10 2.39 -2.40 27.61
N ILE A 11 1.86 -3.17 28.55
CA ILE A 11 0.53 -2.93 29.07
C ILE A 11 0.57 -2.84 30.59
N ASN A 12 -0.12 -1.83 31.14
CA ASN A 12 -0.31 -1.75 32.58
C ASN A 12 -1.79 -1.55 32.84
N GLU A 13 -2.18 -1.28 34.08
CA GLU A 13 -3.59 -1.17 34.41
C GLU A 13 -4.21 0.16 34.03
N PHE A 14 -3.41 1.12 33.55
CA PHE A 14 -3.93 2.42 33.21
C PHE A 14 -3.86 2.76 31.73
N ALA A 15 -3.04 2.05 30.96
CA ALA A 15 -2.85 2.36 29.55
C ALA A 15 -1.94 1.34 28.91
N VAL A 16 -1.99 1.30 27.58
CA VAL A 16 -1.03 0.60 26.75
C VAL A 16 0.01 1.61 26.29
N THR A 17 1.27 1.32 26.55
CA THR A 17 2.37 2.16 26.10
C THR A 17 3.01 1.53 24.86
N ALA A 18 3.39 2.36 23.92
CA ALA A 18 4.01 1.89 22.69
C ALA A 18 5.14 2.82 22.30
N ASN A 19 6.16 2.25 21.68
CA ASN A 19 7.27 3.01 21.11
C ASN A 19 7.38 2.61 19.65
N THR A 20 7.42 3.60 18.77
CA THR A 20 7.42 3.36 17.34
C THR A 20 8.83 3.46 16.78
N GLU A 21 8.98 3.00 15.54
CA GLU A 21 10.25 3.12 14.83
C GLU A 21 10.69 4.57 14.79
N ALA A 22 9.74 5.48 14.63
CA ALA A 22 9.98 6.90 14.49
C ALA A 22 10.43 7.54 15.81
N GLY A 23 10.37 6.81 16.93
CA GLY A 23 10.82 7.30 18.21
C GLY A 23 9.74 7.88 19.09
N ASP A 24 8.51 7.97 18.59
CA ASP A 24 7.41 8.52 19.36
C ASP A 24 6.96 7.52 20.43
N GLU A 25 6.41 8.06 21.51
CA GLU A 25 5.93 7.25 22.62
C GLU A 25 4.43 7.48 22.78
N LEU A 26 3.65 6.44 22.47
CA LEU A 26 2.20 6.44 22.61
C LEU A 26 1.83 6.01 24.01
N TYR A 27 0.90 6.74 24.63
CA TYR A 27 0.31 6.35 25.90
C TYR A 27 -1.19 6.35 25.64
N LEU A 28 -1.76 5.17 25.40
CA LEU A 28 -3.11 5.04 24.89
C LEU A 28 -4.01 4.34 25.90
N GLN A 29 -5.07 5.02 26.31
CA GLN A 29 -6.09 4.44 27.19
C GLN A 29 -7.07 3.64 26.34
N LEU A 30 -6.75 2.36 26.13
CA LEU A 30 -7.48 1.37 25.33
C LEU A 30 -8.49 0.62 26.19
N PRO A 31 -9.68 0.28 25.67
CA PRO A 31 -10.13 0.59 24.31
C PRO A 31 -10.49 2.05 24.16
N HIS A 32 -10.59 2.52 22.91
CA HIS A 32 -10.84 3.93 22.64
C HIS A 32 -12.31 4.23 22.89
N THR A 33 -12.57 5.09 23.86
CA THR A 33 -13.90 5.62 24.20
C THR A 33 -13.76 7.13 24.37
N PRO A 34 -14.90 7.84 24.44
CA PRO A 34 -14.83 9.28 24.77
C PRO A 34 -14.12 9.59 26.07
N ASP A 35 -14.01 8.64 27.00
CA ASP A 35 -13.33 8.84 28.27
C ASP A 35 -11.81 8.77 28.15
N SER A 36 -11.28 8.37 26.99
CA SER A 36 -9.85 8.13 26.84
C SER A 36 -9.06 9.42 26.70
N GLN A 37 -7.86 9.41 27.27
CA GLN A 37 -6.90 10.52 27.14
C GLN A 37 -5.60 9.92 26.60
N HIS A 38 -5.34 10.11 25.32
CA HIS A 38 -4.14 9.60 24.67
C HIS A 38 -3.06 10.67 24.64
N SER A 39 -1.81 10.22 24.68
CA SER A 39 -0.67 11.13 24.69
C SER A 39 0.35 10.69 23.65
N ILE A 40 0.89 11.65 22.91
CA ILE A 40 1.98 11.43 21.97
C ILE A 40 3.17 12.22 22.49
N ASN A 41 4.22 11.51 22.91
CA ASN A 41 5.43 12.13 23.46
C ASN A 41 5.08 13.15 24.55
N HIS A 42 4.27 12.72 25.51
CA HIS A 42 3.81 13.56 26.63
C HIS A 42 3.05 14.80 26.16
N GLU A 43 2.55 14.81 24.91
CA GLU A 43 1.62 15.81 24.41
C GLU A 43 0.28 15.16 24.12
N PRO A 44 -0.82 15.89 24.26
CA PRO A 44 -2.14 15.28 23.97
C PRO A 44 -2.24 14.83 22.52
N LEU A 45 -2.89 13.69 22.33
CA LEU A 45 -3.04 13.05 21.02
C LEU A 45 -4.52 13.04 20.65
N ASP A 46 -4.87 13.68 19.53
CA ASP A 46 -6.26 13.80 19.11
C ASP A 46 -6.43 13.45 17.64
N ASP A 47 -5.77 12.40 17.21
CA ASP A 47 -6.03 11.77 15.90
C ASP A 47 -6.70 10.43 16.13
N ASP A 48 -8.03 10.39 16.01
CA ASP A 48 -8.75 9.16 16.30
C ASP A 48 -8.42 8.08 15.29
N ASP A 49 -8.01 8.47 14.08
CA ASP A 49 -7.59 7.48 13.10
C ASP A 49 -6.27 6.83 13.48
N PHE A 50 -5.30 7.62 13.96
CA PHE A 50 -4.07 7.02 14.45
C PHE A 50 -4.32 6.14 15.67
N VAL A 51 -5.12 6.62 16.62
CA VAL A 51 -5.35 5.83 17.82
C VAL A 51 -6.08 4.54 17.47
N LYS A 52 -6.95 4.57 16.46
CA LYS A 52 -7.61 3.34 16.08
C LYS A 52 -6.72 2.43 15.26
N GLU A 53 -5.71 2.98 14.58
CA GLU A 53 -4.77 2.10 13.87
C GLU A 53 -3.82 1.40 14.85
N VAL A 54 -3.35 2.12 15.86
CA VAL A 54 -2.54 1.46 16.89
C VAL A 54 -3.40 0.54 17.74
N GLN A 55 -4.67 0.88 17.98
CA GLN A 55 -5.53 0.01 18.77
C GLN A 55 -5.87 -1.24 18.01
N GLU A 56 -5.86 -1.19 16.70
CA GLU A 56 -6.12 -2.37 15.89
C GLU A 56 -4.90 -3.27 15.79
N ILE A 57 -3.70 -2.67 15.74
CA ILE A 57 -2.50 -3.47 15.87
C ILE A 57 -2.44 -4.14 17.24
N CYS A 58 -2.88 -3.44 18.29
CA CYS A 58 -2.78 -4.02 19.63
C CYS A 58 -3.88 -5.02 19.91
N ASP A 59 -5.03 -4.87 19.23
CA ASP A 59 -6.03 -5.92 19.29
C ASP A 59 -5.48 -7.20 18.68
N GLU A 60 -4.70 -7.06 17.60
CA GLU A 60 -4.15 -8.26 16.98
C GLU A 60 -2.97 -8.83 17.76
N TYR A 61 -2.27 -8.01 18.54
CA TYR A 61 -1.19 -8.55 19.37
C TYR A 61 -1.71 -9.21 20.64
N PHE A 62 -2.56 -8.53 21.40
CA PHE A 62 -3.01 -9.09 22.67
C PHE A 62 -4.11 -10.12 22.48
N GLY A 63 -5.19 -9.76 21.78
CA GLY A 63 -6.22 -10.77 21.63
C GLY A 63 -5.88 -11.97 20.77
N LYS A 64 -4.65 -12.08 20.27
CA LYS A 64 -4.33 -13.07 19.26
C LYS A 64 -5.37 -13.06 18.16
N GLY A 65 -6.22 -14.10 18.13
CA GLY A 65 -7.28 -14.14 17.13
C GLY A 65 -8.56 -13.53 17.63
N ASP A 66 -8.78 -13.56 18.94
CA ASP A 66 -10.03 -13.11 19.58
C ASP A 66 -9.82 -11.74 20.19
N ARG A 67 -10.45 -10.71 19.60
CA ARG A 67 -10.33 -9.36 20.12
C ARG A 67 -10.86 -9.24 21.54
N THR A 68 -11.79 -10.12 21.94
CA THR A 68 -12.30 -10.10 23.30
C THR A 68 -11.17 -10.34 24.31
N LEU A 69 -10.20 -11.19 23.96
CA LEU A 69 -9.06 -11.39 24.83
C LEU A 69 -8.25 -10.11 25.00
N ALA A 70 -8.10 -9.35 23.90
CA ALA A 70 -7.38 -8.08 24.00
C ALA A 70 -8.13 -7.09 24.89
N ARG A 71 -9.46 -7.06 24.77
CA ARG A 71 -10.23 -6.14 25.60
C ARG A 71 -10.17 -6.52 27.07
N LEU A 72 -10.22 -7.83 27.36
CA LEU A 72 -10.03 -8.28 28.73
C LEU A 72 -8.63 -7.95 29.22
N SER A 73 -7.63 -7.97 28.34
CA SER A 73 -6.27 -7.66 28.77
C SER A 73 -6.11 -6.18 29.08
N TYR A 74 -6.76 -5.32 28.29
CA TYR A 74 -6.80 -3.90 28.60
C TYR A 74 -7.47 -3.67 29.94
N ALA A 75 -8.61 -4.32 30.18
CA ALA A 75 -9.32 -4.13 31.45
C ALA A 75 -8.50 -4.65 32.62
N GLY A 76 -7.71 -5.70 32.41
CA GLY A 76 -6.92 -6.29 33.48
C GLY A 76 -5.53 -5.74 33.62
N GLY A 77 -5.07 -4.95 32.65
CA GLY A 77 -3.75 -4.37 32.74
C GLY A 77 -2.62 -5.35 32.51
N GLN A 78 -2.90 -6.49 31.89
CA GLN A 78 -1.89 -7.50 31.64
C GLN A 78 -2.34 -8.37 30.47
N ALA A 79 -1.35 -8.91 29.76
CA ALA A 79 -1.61 -9.74 28.59
C ALA A 79 -2.02 -11.14 29.04
N TYR A 80 -3.31 -11.45 28.90
CA TYR A 80 -3.81 -12.78 29.25
C TYR A 80 -3.57 -13.75 28.10
N ASP A 81 -3.56 -15.04 28.44
CA ASP A 81 -3.34 -16.09 27.45
C ASP A 81 -4.63 -16.65 26.89
N SER A 82 -5.66 -16.77 27.72
CA SER A 82 -6.92 -17.36 27.31
C SER A 82 -8.01 -16.92 28.28
N TYR A 83 -9.25 -17.23 27.92
CA TYR A 83 -10.37 -16.93 28.79
C TYR A 83 -11.53 -17.86 28.47
N THR A 84 -12.43 -17.99 29.43
CA THR A 84 -13.71 -18.67 29.27
C THR A 84 -14.79 -17.70 29.74
N GLU A 85 -16.00 -17.88 29.23
CA GLU A 85 -17.11 -17.01 29.57
C GLU A 85 -18.29 -17.85 30.05
N GLU A 86 -18.96 -17.36 31.09
CA GLU A 86 -20.18 -18.02 31.53
C GLU A 86 -21.11 -17.00 32.16
N ASP A 87 -22.36 -16.98 31.70
CA ASP A 87 -23.42 -16.17 32.29
C ASP A 87 -23.07 -14.68 32.30
N GLY A 88 -22.21 -14.27 31.36
CA GLY A 88 -21.78 -12.89 31.24
C GLY A 88 -20.53 -12.49 31.99
N VAL A 89 -19.93 -13.37 32.78
CA VAL A 89 -18.68 -13.07 33.48
C VAL A 89 -17.57 -13.86 32.80
N TYR A 90 -16.45 -13.18 32.53
CA TYR A 90 -15.31 -13.73 31.79
C TYR A 90 -14.18 -13.98 32.77
N THR A 91 -13.71 -15.23 32.83
CA THR A 91 -12.59 -15.61 33.69
C THR A 91 -11.40 -15.93 32.80
N THR A 92 -10.29 -15.25 33.04
CA THR A 92 -9.08 -15.45 32.26
C THR A 92 -8.24 -16.58 32.86
N ASN A 93 -7.06 -16.82 32.27
CA ASN A 93 -6.25 -17.94 32.71
C ASN A 93 -5.65 -17.73 34.09
N THR A 94 -5.48 -16.49 34.53
CA THR A 94 -5.01 -16.19 35.87
C THR A 94 -6.11 -16.12 36.92
N GLY A 95 -7.35 -16.41 36.54
CA GLY A 95 -8.47 -16.35 37.46
C GLY A 95 -9.15 -15.00 37.57
N ASP A 96 -8.62 -13.96 36.93
CA ASP A 96 -9.26 -12.65 36.98
C ASP A 96 -10.62 -12.70 36.30
N GLN A 97 -11.62 -12.11 36.94
CA GLN A 97 -12.98 -12.08 36.41
C GLN A 97 -13.30 -10.69 35.85
N PHE A 98 -14.14 -10.68 34.81
CA PHE A 98 -14.56 -9.43 34.17
C PHE A 98 -16.02 -9.56 33.78
N VAL A 99 -16.69 -8.41 33.69
CA VAL A 99 -18.03 -8.33 33.11
C VAL A 99 -18.01 -7.23 32.06
N GLU A 100 -19.08 -7.16 31.28
CA GLU A 100 -19.17 -6.10 30.28
C GLU A 100 -19.32 -4.74 30.94
N HIS A 101 -18.60 -3.76 30.42
CA HIS A 101 -18.67 -2.41 30.98
C HIS A 101 -20.06 -1.83 30.71
N SER A 102 -20.49 -0.94 31.60
CA SER A 102 -21.81 -0.34 31.44
C SER A 102 -21.91 0.56 30.22
N TYR A 103 -20.78 1.09 29.74
CA TYR A 103 -20.75 1.97 28.59
C TYR A 103 -20.68 1.22 27.27
N ALA A 104 -20.64 -0.11 27.29
CA ALA A 104 -20.34 -0.88 26.09
C ALA A 104 -21.41 -0.67 25.01
N ASP A 105 -22.68 -0.80 25.38
CA ASP A 105 -23.75 -0.66 24.41
C ASP A 105 -23.98 0.79 23.97
N TYR A 106 -23.56 1.76 24.79
CA TYR A 106 -23.77 3.17 24.47
C TYR A 106 -22.64 3.77 23.65
N TYR A 107 -21.40 3.39 23.96
CA TYR A 107 -20.26 3.78 23.13
C TYR A 107 -20.12 2.93 21.88
N ASN A 108 -20.86 1.81 21.80
CA ASN A 108 -20.62 0.78 20.80
C ASN A 108 -19.13 0.46 20.70
N VAL A 109 -18.55 0.19 21.87
CA VAL A 109 -17.16 -0.26 22.00
C VAL A 109 -17.17 -1.49 22.89
N GLU A 110 -16.30 -2.46 22.57
CA GLU A 110 -16.13 -3.64 23.43
C GLU A 110 -15.22 -3.23 24.60
N VAL A 111 -15.82 -2.97 25.76
CA VAL A 111 -15.09 -2.60 26.96
C VAL A 111 -15.52 -3.52 28.09
N TYR A 112 -14.63 -3.70 29.07
CA TYR A 112 -14.88 -4.61 30.17
C TYR A 112 -14.50 -3.96 31.50
N CYS A 113 -15.15 -4.43 32.56
CA CYS A 113 -14.93 -3.98 33.93
C CYS A 113 -14.43 -5.17 34.74
N LYS A 114 -13.41 -4.95 35.57
CA LYS A 114 -12.80 -6.03 36.33
C LYS A 114 -13.69 -6.36 37.52
N ALA A 115 -14.52 -7.39 37.39
CA ALA A 115 -15.46 -7.83 38.42
C ALA A 115 -14.80 -8.83 39.37
N ASP A 116 -14.15 -8.32 40.42
CA ASP A 116 -13.43 -9.21 41.33
C ASP A 116 -14.37 -10.08 42.15
N LEU A 117 -15.47 -9.51 42.65
CA LEU A 117 -16.32 -10.18 43.63
C LEU A 117 -17.63 -10.71 43.03
N VAL A 118 -17.71 -10.84 41.71
CA VAL A 118 -18.93 -11.27 41.05
C VAL A 118 -19.07 -12.79 41.04
N MET B 4 -11.15 -24.24 -14.59
CA MET B 4 -11.23 -24.66 -13.21
C MET B 4 -10.93 -23.55 -12.26
N LYS B 5 -9.64 -23.57 -11.96
CA LYS B 5 -9.02 -22.79 -10.91
C LYS B 5 -7.56 -22.76 -11.31
N LEU B 6 -7.11 -21.60 -11.76
CA LEU B 6 -5.71 -21.38 -12.11
C LEU B 6 -4.93 -21.01 -10.87
N LEU B 7 -3.83 -21.73 -10.62
CA LEU B 7 -3.01 -21.49 -9.44
C LEU B 7 -1.76 -20.71 -9.87
N ASN B 8 -0.57 -21.09 -9.40
CA ASN B 8 0.70 -20.44 -9.67
C ASN B 8 0.86 -20.03 -11.13
N ILE B 9 1.40 -18.83 -11.30
CA ILE B 9 1.66 -18.23 -12.61
C ILE B 9 3.08 -17.68 -12.56
N LYS B 10 3.86 -18.00 -13.59
CA LYS B 10 5.25 -17.58 -13.65
C LYS B 10 5.56 -17.12 -15.06
N ILE B 11 6.60 -16.29 -15.19
CA ILE B 11 6.98 -15.71 -16.46
C ILE B 11 8.39 -16.17 -16.75
N ASN B 12 8.62 -16.57 -17.99
CA ASN B 12 9.89 -17.06 -18.47
C ASN B 12 10.34 -16.23 -19.65
N GLU B 13 11.48 -16.63 -20.17
CA GLU B 13 11.98 -16.02 -21.38
C GLU B 13 11.39 -16.72 -22.60
N PHE B 14 10.71 -17.84 -22.35
CA PHE B 14 10.14 -18.68 -23.38
C PHE B 14 8.63 -18.80 -23.30
N ALA B 15 8.00 -18.48 -22.17
CA ALA B 15 6.57 -18.73 -22.02
C ALA B 15 6.08 -18.23 -20.66
N VAL B 16 4.75 -18.18 -20.55
CA VAL B 16 4.08 -18.04 -19.26
C VAL B 16 3.71 -19.43 -18.77
N THR B 17 4.10 -19.74 -17.54
CA THR B 17 3.82 -21.02 -16.89
C THR B 17 2.61 -20.87 -15.97
N ALA B 18 1.80 -21.92 -15.93
CA ALA B 18 0.66 -21.97 -15.02
C ALA B 18 0.58 -23.38 -14.46
N ASN B 19 0.15 -23.50 -13.21
CA ASN B 19 -0.05 -24.80 -12.60
C ASN B 19 -1.43 -24.87 -11.97
N THR B 20 -2.14 -25.96 -12.22
CA THR B 20 -3.48 -26.13 -11.66
C THR B 20 -3.35 -27.01 -10.41
N GLU B 21 -4.23 -26.79 -9.44
CA GLU B 21 -4.21 -27.62 -8.23
C GLU B 21 -4.36 -29.09 -8.60
N ALA B 22 -5.12 -29.38 -9.65
CA ALA B 22 -5.38 -30.74 -10.09
C ALA B 22 -4.15 -31.40 -10.71
N GLY B 23 -3.08 -30.63 -10.92
CA GLY B 23 -1.85 -31.13 -11.52
C GLY B 23 -1.63 -30.74 -12.95
N ASP B 24 -2.58 -30.07 -13.60
CA ASP B 24 -2.40 -29.63 -14.97
C ASP B 24 -1.39 -28.48 -14.99
N GLU B 25 -0.73 -28.32 -16.12
CA GLU B 25 0.60 -27.72 -16.13
C GLU B 25 0.63 -27.01 -17.48
N LEU B 26 0.25 -25.73 -17.49
CA LEU B 26 0.11 -24.94 -18.71
C LEU B 26 1.42 -24.26 -19.09
N TYR B 27 1.76 -24.37 -20.37
CA TYR B 27 2.91 -23.68 -20.96
C TYR B 27 2.41 -22.88 -22.15
N LEU B 28 2.22 -21.57 -21.95
CA LEU B 28 1.54 -20.73 -22.92
C LEU B 28 2.50 -19.69 -23.49
N GLN B 29 2.67 -19.71 -24.80
CA GLN B 29 3.48 -18.68 -25.47
C GLN B 29 2.60 -17.44 -25.63
N LEU B 30 2.56 -16.62 -24.59
CA LEU B 30 1.77 -15.40 -24.47
C LEU B 30 2.59 -14.18 -24.90
N PRO B 31 1.98 -13.18 -25.55
CA PRO B 31 0.55 -13.16 -25.90
C PRO B 31 0.23 -14.09 -27.07
N HIS B 32 -1.05 -14.38 -27.27
CA HIS B 32 -1.49 -15.36 -28.26
C HIS B 32 -1.34 -14.79 -29.66
N THR B 33 -0.50 -15.42 -30.47
CA THR B 33 -0.30 -15.09 -31.87
C THR B 33 -0.41 -16.37 -32.69
N PRO B 34 -0.51 -16.25 -34.02
CA PRO B 34 -0.41 -17.45 -34.86
C PRO B 34 0.89 -18.22 -34.66
N ASP B 35 1.94 -17.55 -34.15
CA ASP B 35 3.21 -18.18 -33.85
C ASP B 35 3.21 -18.96 -32.54
N SER B 36 2.17 -18.80 -31.72
CA SER B 36 2.18 -19.41 -30.40
C SER B 36 1.82 -20.88 -30.48
N GLN B 37 2.53 -21.68 -29.69
CA GLN B 37 2.28 -23.12 -29.55
C GLN B 37 2.14 -23.40 -28.07
N HIS B 38 0.92 -23.62 -27.62
CA HIS B 38 0.67 -23.88 -26.21
C HIS B 38 0.68 -25.38 -25.94
N SER B 39 1.07 -25.74 -24.72
CA SER B 39 1.20 -27.13 -24.33
C SER B 39 0.49 -27.32 -22.99
N ILE B 40 -0.24 -28.43 -22.88
CA ILE B 40 -0.86 -28.85 -21.62
C ILE B 40 -0.22 -30.17 -21.24
N ASN B 41 0.49 -30.18 -20.11
CA ASN B 41 1.21 -31.37 -19.63
C ASN B 41 2.06 -31.97 -20.75
N HIS B 42 2.86 -31.11 -21.38
CA HIS B 42 3.76 -31.49 -22.48
C HIS B 42 3.01 -32.12 -23.66
N GLU B 43 1.70 -31.92 -23.74
CA GLU B 43 0.90 -32.24 -24.91
C GLU B 43 0.33 -30.96 -25.51
N PRO B 44 0.17 -30.90 -26.83
CA PRO B 44 -0.36 -29.68 -27.46
C PRO B 44 -1.78 -29.36 -27.00
N LEU B 45 -2.04 -28.07 -26.82
CA LEU B 45 -3.33 -27.55 -26.36
C LEU B 45 -3.91 -26.64 -27.43
N ASP B 46 -5.12 -26.95 -27.90
CA ASP B 46 -5.76 -26.18 -28.97
C ASP B 46 -7.20 -25.87 -28.60
N ASP B 47 -7.39 -25.36 -27.39
CA ASP B 47 -8.60 -24.68 -26.98
C ASP B 47 -8.20 -23.21 -26.95
N ASP B 48 -8.40 -22.51 -28.07
CA ASP B 48 -7.88 -21.15 -28.17
C ASP B 48 -8.63 -20.18 -27.28
N ASP B 49 -9.92 -20.44 -27.04
CA ASP B 49 -10.69 -19.61 -26.12
C ASP B 49 -10.32 -19.91 -24.67
N PHE B 50 -10.02 -21.17 -24.34
CA PHE B 50 -9.48 -21.47 -23.02
C PHE B 50 -8.15 -20.73 -22.80
N VAL B 51 -7.28 -20.76 -23.82
CA VAL B 51 -6.01 -20.06 -23.71
C VAL B 51 -6.25 -18.56 -23.61
N LYS B 52 -7.31 -18.05 -24.22
CA LYS B 52 -7.59 -16.63 -24.12
C LYS B 52 -8.23 -16.26 -22.78
N GLU B 53 -8.92 -17.20 -22.12
CA GLU B 53 -9.37 -16.94 -20.76
C GLU B 53 -8.20 -16.88 -19.81
N VAL B 54 -7.25 -17.82 -20.00
CA VAL B 54 -6.07 -17.78 -19.15
C VAL B 54 -5.19 -16.58 -19.45
N GLN B 55 -5.12 -16.17 -20.71
CA GLN B 55 -4.30 -15.01 -21.05
C GLN B 55 -4.93 -13.72 -20.55
N GLU B 56 -6.23 -13.69 -20.43
CA GLU B 56 -6.87 -12.53 -19.89
C GLU B 56 -6.80 -12.49 -18.36
N ILE B 57 -6.81 -13.66 -17.71
CA ILE B 57 -6.53 -13.70 -16.28
C ILE B 57 -5.11 -13.21 -16.01
N CYS B 58 -4.15 -13.61 -16.85
CA CYS B 58 -2.77 -13.18 -16.58
C CYS B 58 -2.50 -11.77 -17.06
N ASP B 59 -3.26 -11.30 -18.05
CA ASP B 59 -3.22 -9.90 -18.41
C ASP B 59 -3.71 -9.03 -17.26
N GLU B 60 -4.73 -9.49 -16.53
CA GLU B 60 -5.24 -8.54 -15.56
C GLU B 60 -4.52 -8.73 -14.23
N TYR B 61 -3.78 -9.85 -14.07
CA TYR B 61 -2.92 -10.05 -12.90
C TYR B 61 -1.61 -9.30 -13.01
N PHE B 62 -0.90 -9.47 -14.13
CA PHE B 62 0.40 -8.81 -14.30
C PHE B 62 0.24 -7.36 -14.70
N GLY B 63 -0.64 -7.07 -15.64
CA GLY B 63 -0.83 -5.68 -16.03
C GLY B 63 -1.25 -4.79 -14.89
N LYS B 64 -1.80 -5.36 -13.82
CA LYS B 64 -2.35 -4.60 -12.70
C LYS B 64 -3.28 -3.49 -13.19
N GLY B 65 -4.11 -3.86 -14.17
CA GLY B 65 -5.09 -3.00 -14.78
C GLY B 65 -4.70 -2.56 -16.18
N ASP B 66 -3.41 -2.44 -16.43
CA ASP B 66 -2.85 -1.96 -17.70
C ASP B 66 -2.30 -3.15 -18.47
N ARG B 67 -3.00 -3.55 -19.53
CA ARG B 67 -2.55 -4.71 -20.31
C ARG B 67 -1.18 -4.47 -20.95
N THR B 68 -0.81 -3.21 -21.21
CA THR B 68 0.51 -2.93 -21.78
C THR B 68 1.62 -3.39 -20.85
N LEU B 69 1.44 -3.22 -19.55
CA LEU B 69 2.42 -3.70 -18.59
C LEU B 69 2.53 -5.22 -18.64
N ALA B 70 1.41 -5.91 -18.79
CA ALA B 70 1.44 -7.37 -18.90
C ALA B 70 2.16 -7.82 -20.16
N ARG B 71 1.93 -7.12 -21.28
CA ARG B 71 2.60 -7.48 -22.52
C ARG B 71 4.10 -7.22 -22.44
N LEU B 72 4.50 -6.09 -21.82
CA LEU B 72 5.92 -5.84 -21.60
C LEU B 72 6.52 -6.91 -20.70
N SER B 73 5.75 -7.41 -19.74
CA SER B 73 6.27 -8.44 -18.85
C SER B 73 6.42 -9.77 -19.56
N TYR B 74 5.47 -10.11 -20.44
CA TYR B 74 5.62 -11.31 -21.27
C TYR B 74 6.88 -11.21 -22.12
N ALA B 75 7.09 -10.05 -22.75
CA ALA B 75 8.27 -9.88 -23.60
C ALA B 75 9.56 -9.89 -22.79
N GLY B 76 9.53 -9.44 -21.53
CA GLY B 76 10.72 -9.35 -20.72
C GLY B 76 11.04 -10.54 -19.85
N GLY B 77 10.12 -11.50 -19.74
CA GLY B 77 10.39 -12.67 -18.92
C GLY B 77 10.32 -12.42 -17.43
N GLN B 78 9.71 -11.31 -17.02
CA GLN B 78 9.59 -10.99 -15.60
C GLN B 78 8.42 -10.05 -15.40
N ALA B 79 7.83 -10.11 -14.20
CA ALA B 79 6.69 -9.27 -13.85
C ALA B 79 7.18 -7.87 -13.51
N TYR B 80 6.94 -6.92 -14.40
CA TYR B 80 7.33 -5.55 -14.15
C TYR B 80 6.27 -4.85 -13.29
N ASP B 81 6.70 -3.80 -12.60
CA ASP B 81 5.80 -3.03 -11.74
C ASP B 81 5.24 -1.78 -12.43
N SER B 82 6.02 -1.13 -13.28
CA SER B 82 5.58 0.09 -13.94
C SER B 82 6.44 0.32 -15.18
N TYR B 83 6.00 1.26 -16.00
CA TYR B 83 6.73 1.61 -17.22
C TYR B 83 6.35 3.03 -17.63
N THR B 84 7.22 3.62 -18.46
CA THR B 84 6.93 4.87 -19.15
C THR B 84 7.26 4.68 -20.62
N GLU B 85 6.57 5.42 -21.48
CA GLU B 85 6.75 5.30 -22.91
C GLU B 85 7.03 6.67 -23.52
N GLU B 86 7.97 6.70 -24.46
CA GLU B 86 8.24 7.93 -25.20
C GLU B 86 8.70 7.58 -26.61
N ASP B 87 8.06 8.20 -27.59
CA ASP B 87 8.46 8.09 -28.99
C ASP B 87 8.44 6.65 -29.48
N GLY B 88 7.60 5.81 -28.87
CA GLY B 88 7.50 4.42 -29.23
C GLY B 88 8.40 3.46 -28.46
N VAL B 89 9.24 3.96 -27.55
CA VAL B 89 10.11 3.11 -26.76
C VAL B 89 9.56 3.03 -25.35
N TYR B 90 9.43 1.80 -24.83
CA TYR B 90 8.84 1.54 -23.53
C TYR B 90 9.95 1.12 -22.57
N THR B 91 10.14 1.89 -21.50
CA THR B 91 11.14 1.62 -20.47
C THR B 91 10.43 1.25 -19.18
N THR B 92 10.76 0.08 -18.63
CA THR B 92 10.14 -0.38 -17.41
C THR B 92 10.91 0.14 -16.20
N ASN B 93 10.45 -0.26 -15.00
CA ASN B 93 11.05 0.28 -13.78
C ASN B 93 12.47 -0.23 -13.55
N THR B 94 12.83 -1.38 -14.12
CA THR B 94 14.20 -1.87 -14.04
C THR B 94 15.10 -1.32 -15.14
N GLY B 95 14.58 -0.41 -15.99
CA GLY B 95 15.33 0.14 -17.08
C GLY B 95 15.29 -0.63 -18.39
N ASP B 96 14.66 -1.81 -18.39
CA ASP B 96 14.55 -2.60 -19.62
C ASP B 96 13.70 -1.87 -20.65
N GLN B 97 14.19 -1.83 -21.89
CA GLN B 97 13.50 -1.13 -22.98
C GLN B 97 12.82 -2.09 -23.93
N PHE B 98 11.69 -1.65 -24.48
CA PHE B 98 10.90 -2.44 -25.42
C PHE B 98 10.33 -1.55 -26.51
N VAL B 99 10.06 -2.17 -27.67
CA VAL B 99 9.34 -1.53 -28.77
C VAL B 99 8.22 -2.46 -29.20
N GLU B 100 7.37 -1.96 -30.10
CA GLU B 100 6.32 -2.78 -30.67
C GLU B 100 6.94 -3.85 -31.58
N HIS B 101 6.46 -5.08 -31.48
CA HIS B 101 6.99 -6.18 -32.27
C HIS B 101 6.71 -5.97 -33.75
N SER B 102 7.56 -6.60 -34.58
CA SER B 102 7.41 -6.45 -36.03
C SER B 102 6.11 -7.05 -36.56
N TYR B 103 5.56 -8.04 -35.86
CA TYR B 103 4.34 -8.71 -36.26
C TYR B 103 3.07 -8.06 -35.72
N ALA B 104 3.20 -6.96 -34.96
CA ALA B 104 2.08 -6.46 -34.18
C ALA B 104 0.91 -6.04 -35.07
N ASP B 105 1.17 -5.23 -36.11
CA ASP B 105 0.08 -4.71 -36.92
C ASP B 105 -0.56 -5.76 -37.80
N TYR B 106 0.14 -6.86 -38.09
CA TYR B 106 -0.40 -7.91 -38.95
C TYR B 106 -1.19 -8.93 -38.16
N TYR B 107 -0.73 -9.28 -36.96
CA TYR B 107 -1.55 -10.09 -36.07
C TYR B 107 -2.59 -9.25 -35.34
N ASN B 108 -2.44 -7.92 -35.37
CA ASN B 108 -3.23 -6.99 -34.56
C ASN B 108 -3.37 -7.49 -33.12
N VAL B 109 -2.23 -7.78 -32.51
CA VAL B 109 -2.10 -8.16 -31.12
C VAL B 109 -1.05 -7.25 -30.49
N GLU B 110 -1.27 -6.85 -29.25
CA GLU B 110 -0.28 -6.04 -28.53
C GLU B 110 0.84 -6.97 -28.07
N VAL B 111 1.94 -6.98 -28.82
CA VAL B 111 3.12 -7.79 -28.52
C VAL B 111 4.34 -6.87 -28.61
N TYR B 112 5.40 -7.21 -27.88
CA TYR B 112 6.55 -6.33 -27.76
C TYR B 112 7.86 -7.07 -28.00
N CYS B 113 8.86 -6.29 -28.42
CA CYS B 113 10.21 -6.71 -28.75
C CYS B 113 11.21 -6.05 -27.81
N LYS B 114 12.25 -6.78 -27.42
CA LYS B 114 13.25 -6.27 -26.49
C LYS B 114 14.18 -5.31 -27.21
N ALA B 115 13.90 -4.00 -27.12
CA ALA B 115 14.71 -2.96 -27.75
C ALA B 115 15.76 -2.40 -26.80
N ASP B 116 16.68 -3.25 -26.33
CA ASP B 116 17.57 -2.80 -25.27
C ASP B 116 18.66 -1.85 -25.75
N LEU B 117 19.01 -1.86 -27.04
CA LEU B 117 20.01 -0.95 -27.57
C LEU B 117 19.41 0.16 -28.40
N VAL B 118 18.10 0.38 -28.31
CA VAL B 118 17.42 1.42 -29.05
C VAL B 118 17.39 2.71 -28.22
N MET C 4 -13.60 -17.32 -6.01
CA MET C 4 -12.61 -16.48 -6.70
C MET C 4 -11.37 -17.29 -7.02
N LYS C 5 -10.47 -16.73 -7.83
CA LYS C 5 -9.30 -17.46 -8.30
C LYS C 5 -8.06 -17.00 -7.51
N LEU C 6 -7.32 -17.97 -6.99
CA LEU C 6 -6.00 -17.73 -6.41
C LEU C 6 -4.99 -17.88 -7.53
N LEU C 7 -4.23 -16.83 -7.81
CA LEU C 7 -3.30 -16.89 -8.94
C LEU C 7 -1.86 -17.06 -8.52
N ASN C 8 -1.54 -16.83 -7.25
CA ASN C 8 -0.17 -17.09 -6.84
C ASN C 8 -0.13 -17.61 -5.41
N ILE C 9 0.70 -18.60 -5.17
CA ILE C 9 0.84 -19.22 -3.86
C ILE C 9 2.33 -19.35 -3.57
N LYS C 10 2.75 -18.90 -2.39
CA LYS C 10 4.15 -18.92 -2.00
C LYS C 10 4.25 -19.34 -0.54
N ILE C 11 5.38 -19.96 -0.20
CA ILE C 11 5.64 -20.46 1.14
C ILE C 11 6.94 -19.85 1.64
N ASN C 12 6.92 -19.29 2.84
CA ASN C 12 8.14 -18.82 3.50
C ASN C 12 8.16 -19.39 4.92
N GLU C 13 9.07 -18.91 5.75
CA GLU C 13 9.20 -19.45 7.09
C GLU C 13 8.14 -18.93 8.06
N PHE C 14 7.31 -17.97 7.64
CA PHE C 14 6.34 -17.39 8.56
C PHE C 14 4.89 -17.63 8.17
N ALA C 15 4.61 -17.98 6.91
CA ALA C 15 3.24 -18.14 6.45
C ALA C 15 3.23 -18.57 5.00
N VAL C 16 2.07 -19.04 4.55
CA VAL C 16 1.76 -19.22 3.14
C VAL C 16 1.04 -17.96 2.67
N THR C 17 1.58 -17.30 1.65
CA THR C 17 0.94 -16.13 1.07
C THR C 17 0.30 -16.50 -0.25
N ALA C 18 -0.83 -15.84 -0.54
CA ALA C 18 -1.56 -16.08 -1.78
C ALA C 18 -2.05 -14.76 -2.35
N ASN C 19 -2.14 -14.73 -3.67
CA ASN C 19 -2.66 -13.59 -4.41
C ASN C 19 -3.83 -14.06 -5.27
N THR C 20 -4.97 -13.40 -5.11
CA THR C 20 -6.24 -13.73 -5.75
C THR C 20 -6.50 -12.84 -6.95
N GLU C 21 -7.57 -13.19 -7.69
CA GLU C 21 -7.97 -12.45 -8.88
C GLU C 21 -8.26 -10.98 -8.57
N ALA C 22 -8.89 -10.69 -7.44
CA ALA C 22 -9.28 -9.31 -7.15
C ALA C 22 -8.10 -8.41 -6.78
N GLY C 23 -6.91 -8.97 -6.57
CA GLY C 23 -5.77 -8.19 -6.12
C GLY C 23 -5.55 -8.34 -4.64
N ASP C 24 -6.42 -9.11 -3.98
CA ASP C 24 -6.33 -9.29 -2.54
C ASP C 24 -5.11 -10.13 -2.18
N GLU C 25 -4.61 -9.96 -0.99
CA GLU C 25 -3.43 -10.69 -0.57
C GLU C 25 -3.72 -11.36 0.75
N LEU C 26 -3.71 -12.68 0.69
CA LEU C 26 -3.87 -13.57 1.82
C LEU C 26 -2.52 -13.89 2.46
N TYR C 27 -2.48 -13.78 3.78
CA TYR C 27 -1.32 -14.16 4.58
C TYR C 27 -1.82 -15.15 5.63
N LEU C 28 -1.60 -16.44 5.37
CA LEU C 28 -2.22 -17.52 6.14
C LEU C 28 -1.16 -18.31 6.89
N GLN C 29 -1.31 -18.39 8.20
CA GLN C 29 -0.46 -19.23 9.04
C GLN C 29 -1.00 -20.66 8.99
N LEU C 30 -0.56 -21.42 7.98
CA LEU C 30 -0.96 -22.79 7.68
C LEU C 30 0.01 -23.78 8.34
N PRO C 31 -0.49 -24.93 8.82
CA PRO C 31 -1.89 -25.34 8.79
C PRO C 31 -2.74 -24.55 9.78
N HIS C 32 -4.06 -24.61 9.61
CA HIS C 32 -4.96 -23.83 10.47
C HIS C 32 -5.07 -24.49 11.83
N THR C 33 -4.61 -23.79 12.85
CA THR C 33 -4.73 -24.19 14.25
C THR C 33 -5.20 -22.98 15.04
N PRO C 34 -5.63 -23.17 16.30
CA PRO C 34 -5.95 -22.01 17.14
C PRO C 34 -4.81 -21.00 17.25
N ASP C 35 -3.57 -21.42 16.99
CA ASP C 35 -2.44 -20.50 17.03
C ASP C 35 -2.35 -19.62 15.80
N SER C 36 -3.13 -19.91 14.76
CA SER C 36 -3.00 -19.20 13.49
C SER C 36 -3.73 -17.86 13.54
N GLN C 37 -3.11 -16.85 12.96
CA GLN C 37 -3.71 -15.52 12.78
C GLN C 37 -3.53 -15.14 11.32
N HIS C 38 -4.61 -15.23 10.55
CA HIS C 38 -4.58 -14.93 9.13
C HIS C 38 -4.98 -13.48 8.87
N SER C 39 -4.42 -12.91 7.80
CA SER C 39 -4.68 -11.54 7.41
C SER C 39 -4.93 -11.47 5.91
N ILE C 40 -5.91 -10.66 5.51
CA ILE C 40 -6.16 -10.35 4.11
C ILE C 40 -5.98 -8.86 3.89
N ASN C 41 -5.06 -8.50 2.99
CA ASN C 41 -4.70 -7.12 2.68
C ASN C 41 -4.31 -6.34 3.94
N HIS C 42 -3.39 -6.93 4.71
CA HIS C 42 -2.83 -6.34 5.93
C HIS C 42 -3.89 -6.01 6.96
N GLU C 43 -5.10 -6.54 6.81
CA GLU C 43 -6.12 -6.51 7.83
C GLU C 43 -6.40 -7.93 8.28
N PRO C 44 -6.77 -8.15 9.53
CA PRO C 44 -7.01 -9.51 9.99
C PRO C 44 -8.12 -10.18 9.20
N LEU C 45 -7.90 -11.46 8.91
CA LEU C 45 -8.83 -12.28 8.15
C LEU C 45 -9.38 -13.32 9.11
N ASP C 46 -10.69 -13.29 9.26
CA ASP C 46 -11.47 -14.00 10.26
C ASP C 46 -12.71 -14.67 9.68
N ASP C 47 -12.56 -15.23 8.48
CA ASP C 47 -13.45 -16.19 7.84
C ASP C 47 -12.72 -17.54 7.77
N ASP C 48 -12.95 -18.41 8.76
CA ASP C 48 -12.17 -19.65 8.83
C ASP C 48 -12.55 -20.67 7.74
N ASP C 49 -13.78 -20.62 7.21
CA ASP C 49 -14.16 -21.53 6.13
C ASP C 49 -13.46 -21.17 4.81
N PHE C 50 -13.35 -19.88 4.53
CA PHE C 50 -12.58 -19.44 3.37
C PHE C 50 -11.14 -19.91 3.50
N VAL C 51 -10.56 -19.76 4.68
CA VAL C 51 -9.20 -20.22 4.91
C VAL C 51 -9.11 -21.73 4.77
N LYS C 52 -10.20 -22.46 5.06
CA LYS C 52 -10.10 -23.91 4.96
C LYS C 52 -10.21 -24.42 3.51
N GLU C 53 -10.91 -23.70 2.63
CA GLU C 53 -10.71 -23.92 1.18
C GLU C 53 -9.32 -23.58 0.72
N VAL C 54 -8.79 -22.44 1.18
CA VAL C 54 -7.46 -22.15 0.68
C VAL C 54 -6.47 -23.15 1.20
N GLN C 55 -6.72 -23.69 2.39
CA GLN C 55 -5.84 -24.70 2.94
C GLN C 55 -6.00 -26.04 2.23
N GLU C 56 -7.19 -26.33 1.71
CA GLU C 56 -7.33 -27.58 0.96
C GLU C 56 -6.78 -27.46 -0.45
N ILE C 57 -6.92 -26.28 -1.06
CA ILE C 57 -6.27 -26.01 -2.34
C ILE C 57 -4.75 -26.10 -2.21
N CYS C 58 -4.20 -25.59 -1.10
CA CYS C 58 -2.75 -25.63 -0.98
C CYS C 58 -2.28 -26.99 -0.52
N ASP C 59 -3.14 -27.73 0.20
CA ASP C 59 -2.84 -29.11 0.54
C ASP C 59 -2.75 -29.97 -0.71
N GLU C 60 -3.61 -29.73 -1.68
CA GLU C 60 -3.57 -30.55 -2.88
C GLU C 60 -2.63 -30.01 -3.94
N TYR C 61 -2.18 -28.75 -3.82
CA TYR C 61 -1.14 -28.26 -4.70
C TYR C 61 0.24 -28.71 -4.25
N PHE C 62 0.59 -28.50 -2.98
CA PHE C 62 1.90 -28.90 -2.49
C PHE C 62 1.98 -30.38 -2.15
N GLY C 63 0.88 -30.98 -1.70
CA GLY C 63 0.89 -32.39 -1.40
C GLY C 63 1.07 -33.27 -2.62
N LYS C 64 0.58 -32.83 -3.78
CA LYS C 64 0.50 -33.66 -4.98
C LYS C 64 -0.26 -34.95 -4.70
N GLY C 65 -1.28 -34.86 -3.84
CA GLY C 65 -2.11 -35.99 -3.46
C GLY C 65 -1.95 -36.39 -2.00
N ASP C 66 -0.75 -36.20 -1.45
CA ASP C 66 -0.43 -36.58 -0.08
C ASP C 66 -0.40 -35.32 0.77
N ARG C 67 -1.40 -35.14 1.63
CA ARG C 67 -1.47 -33.94 2.46
C ARG C 67 -0.26 -33.84 3.39
N THR C 68 0.35 -34.96 3.72
CA THR C 68 1.54 -34.95 4.57
C THR C 68 2.68 -34.16 3.91
N LEU C 69 2.81 -34.26 2.58
CA LEU C 69 3.85 -33.50 1.90
C LEU C 69 3.60 -31.99 2.03
N ALA C 70 2.35 -31.58 1.90
CA ALA C 70 2.02 -30.17 2.06
C ALA C 70 2.28 -29.70 3.49
N ARG C 71 1.93 -30.52 4.49
CA ARG C 71 2.14 -30.11 5.87
C ARG C 71 3.63 -30.02 6.19
N LEU C 72 4.42 -30.96 5.68
CA LEU C 72 5.87 -30.86 5.84
C LEU C 72 6.43 -29.64 5.15
N SER C 73 5.84 -29.23 4.03
CA SER C 73 6.33 -28.04 3.35
C SER C 73 5.97 -26.77 4.10
N TYR C 74 4.77 -26.74 4.70
CA TYR C 74 4.41 -25.62 5.58
C TYR C 74 5.38 -25.52 6.74
N ALA C 75 5.69 -26.66 7.38
CA ALA C 75 6.60 -26.64 8.51
C ALA C 75 8.01 -26.24 8.08
N GLY C 76 8.40 -26.56 6.85
CA GLY C 76 9.74 -26.27 6.39
C GLY C 76 9.93 -24.95 5.67
N GLY C 77 8.84 -24.26 5.31
CA GLY C 77 8.98 -22.99 4.63
C GLY C 77 9.38 -23.08 3.18
N GLN C 78 9.23 -24.25 2.55
CA GLN C 78 9.59 -24.42 1.15
C GLN C 78 8.79 -25.58 0.58
N ALA C 79 8.57 -25.53 -0.73
CA ALA C 79 7.79 -26.57 -1.41
C ALA C 79 8.67 -27.80 -1.61
N TYR C 80 8.41 -28.85 -0.84
CA TYR C 80 9.14 -30.10 -1.00
C TYR C 80 8.54 -30.95 -2.11
N ASP C 81 9.39 -31.83 -2.66
CA ASP C 81 8.99 -32.74 -3.74
C ASP C 81 8.59 -34.12 -3.25
N SER C 82 9.25 -34.62 -2.21
CA SER C 82 8.97 -35.96 -1.72
C SER C 82 9.45 -36.07 -0.28
N TYR C 83 9.07 -37.17 0.36
CA TYR C 83 9.49 -37.43 1.72
C TYR C 83 9.45 -38.94 1.97
N THR C 84 10.18 -39.33 3.00
CA THR C 84 10.15 -40.67 3.53
C THR C 84 9.86 -40.57 5.01
N GLU C 85 9.23 -41.59 5.56
CA GLU C 85 8.95 -41.59 6.99
C GLU C 85 9.51 -42.87 7.57
N GLU C 86 10.18 -42.72 8.71
CA GLU C 86 10.64 -43.85 9.49
C GLU C 86 10.69 -43.42 10.94
N ASP C 87 10.07 -44.27 11.75
CA ASP C 87 10.02 -44.30 13.23
C ASP C 87 9.31 -43.04 13.76
N GLY C 88 8.48 -42.37 12.96
CA GLY C 88 7.85 -41.11 13.34
C GLY C 88 8.64 -39.90 12.93
N VAL C 89 9.79 -40.09 12.28
CA VAL C 89 10.64 -39.00 11.79
C VAL C 89 10.48 -38.92 10.28
N TYR C 90 10.24 -37.70 9.78
CA TYR C 90 9.97 -37.45 8.37
C TYR C 90 11.16 -36.74 7.75
N THR C 91 11.73 -37.35 6.71
CA THR C 91 12.88 -36.79 5.98
C THR C 91 12.42 -36.39 4.59
N THR C 92 12.62 -35.13 4.22
CA THR C 92 12.19 -34.67 2.91
C THR C 92 13.30 -34.91 1.89
N ASN C 93 13.04 -34.50 0.64
CA ASN C 93 13.99 -34.76 -0.43
C ASN C 93 15.25 -33.92 -0.30
N THR C 94 15.19 -32.78 0.39
CA THR C 94 16.37 -31.98 0.65
C THR C 94 17.13 -32.44 1.89
N GLY C 95 16.69 -33.52 2.53
CA GLY C 95 17.31 -34.03 3.74
C GLY C 95 16.80 -33.43 5.04
N ASP C 96 15.95 -32.41 4.99
CA ASP C 96 15.41 -31.80 6.20
C ASP C 96 14.51 -32.79 6.94
N GLN C 97 14.67 -32.87 8.26
CA GLN C 97 13.92 -33.79 9.09
C GLN C 97 12.81 -33.07 9.84
N PHE C 98 11.71 -33.80 10.08
CA PHE C 98 10.55 -33.28 10.80
C PHE C 98 9.96 -34.38 11.67
N VAL C 99 9.27 -33.96 12.74
CA VAL C 99 8.48 -34.85 13.57
C VAL C 99 7.08 -34.24 13.71
N GLU C 100 6.18 -35.01 14.30
CA GLU C 100 4.84 -34.51 14.57
C GLU C 100 4.90 -33.42 15.62
N HIS C 101 4.16 -32.34 15.40
CA HIS C 101 4.18 -31.21 16.33
C HIS C 101 3.58 -31.61 17.67
N SER C 102 4.01 -30.91 18.73
CA SER C 102 3.55 -31.25 20.08
C SER C 102 2.05 -30.99 20.25
N TYR C 103 1.48 -30.08 19.46
CA TYR C 103 0.06 -29.74 19.57
C TYR C 103 -0.82 -30.61 18.68
N ALA C 104 -0.24 -31.55 17.93
CA ALA C 104 -0.99 -32.24 16.88
C ALA C 104 -2.17 -33.03 17.43
N ASP C 105 -1.93 -33.86 18.44
CA ASP C 105 -3.01 -34.71 18.94
C ASP C 105 -4.09 -33.93 19.67
N TYR C 106 -3.77 -32.73 20.16
CA TYR C 106 -4.71 -31.93 20.91
C TYR C 106 -5.52 -31.01 20.00
N TYR C 107 -4.89 -30.44 18.97
CA TYR C 107 -5.64 -29.69 17.96
C TYR C 107 -6.33 -30.60 16.95
N ASN C 108 -5.98 -31.89 16.94
CA ASN C 108 -6.38 -32.81 15.87
C ASN C 108 -6.17 -32.18 14.50
N VAL C 109 -4.95 -31.66 14.30
CA VAL C 109 -4.50 -31.11 13.03
C VAL C 109 -3.17 -31.74 12.69
N GLU C 110 -2.95 -32.04 11.42
CA GLU C 110 -1.65 -32.54 10.96
C GLU C 110 -0.70 -31.36 10.87
N VAL C 111 0.15 -31.20 11.88
CA VAL C 111 1.15 -30.14 11.96
C VAL C 111 2.49 -30.78 12.27
N TYR C 112 3.58 -30.11 11.86
CA TYR C 112 4.90 -30.70 11.99
C TYR C 112 5.88 -29.69 12.58
N CYS C 113 6.90 -30.24 13.24
CA CYS C 113 7.97 -29.51 13.89
C CYS C 113 9.28 -29.90 13.20
N LYS C 114 10.14 -28.93 12.91
CA LYS C 114 11.37 -29.27 12.19
C LYS C 114 12.38 -29.84 13.18
N ALA C 115 12.42 -31.17 13.27
CA ALA C 115 13.35 -31.89 14.14
C ALA C 115 14.66 -32.20 13.40
N ASP C 116 15.41 -31.14 13.08
CA ASP C 116 16.65 -31.34 12.35
C ASP C 116 17.74 -32.01 13.18
N LEU C 117 17.52 -32.27 14.47
CA LEU C 117 18.57 -32.79 15.34
C LEU C 117 18.26 -34.16 15.93
N VAL C 118 17.16 -34.79 15.54
CA VAL C 118 16.87 -36.15 15.99
C VAL C 118 17.50 -37.14 15.01
N ALA D 1 8.71 -12.19 4.53
CA ALA D 1 8.25 -11.49 5.73
C ALA D 1 8.34 -9.99 5.52
N GLY D 2 8.40 -9.23 6.62
CA GLY D 2 8.71 -7.82 6.59
C GLY D 2 7.51 -6.89 6.64
N SER D 3 6.29 -7.40 6.44
CA SER D 3 5.07 -6.61 6.66
C SER D 3 4.45 -6.94 8.02
N MET D 4 5.31 -7.08 9.02
CA MET D 4 4.91 -7.11 10.40
C MET D 4 4.78 -5.67 10.89
N LYS D 5 3.69 -5.38 11.59
CA LYS D 5 3.43 -4.00 11.95
C LYS D 5 3.93 -3.71 13.35
N LEU D 6 3.64 -4.59 14.30
CA LEU D 6 4.25 -4.56 15.62
C LEU D 6 5.43 -5.52 15.67
N LEU D 7 6.61 -5.00 15.98
CA LEU D 7 7.80 -5.81 16.20
C LEU D 7 8.27 -5.55 17.63
N ASN D 8 7.51 -6.02 18.63
CA ASN D 8 7.94 -5.86 20.02
C ASN D 8 9.35 -6.40 20.18
N ILE D 9 10.22 -5.64 20.83
CA ILE D 9 11.64 -5.97 20.89
C ILE D 9 12.15 -5.82 22.31
N LYS D 10 12.84 -6.85 22.79
CA LYS D 10 13.42 -6.87 24.12
C LYS D 10 14.81 -7.49 24.01
N ILE D 11 15.67 -7.16 24.97
CA ILE D 11 17.06 -7.59 24.94
C ILE D 11 17.31 -8.45 26.16
N ASN D 12 17.98 -9.57 25.98
CA ASN D 12 18.37 -10.48 27.04
C ASN D 12 19.88 -10.66 26.99
N GLU D 13 20.43 -11.54 27.85
CA GLU D 13 21.88 -11.64 27.69
C GLU D 13 22.36 -12.53 26.58
N PHE D 14 21.52 -13.23 25.87
CA PHE D 14 22.13 -13.99 24.78
C PHE D 14 21.35 -13.88 23.48
N ALA D 15 20.40 -12.95 23.38
CA ALA D 15 19.59 -12.79 22.18
C ALA D 15 18.67 -11.59 22.35
N VAL D 16 18.22 -11.07 21.21
CA VAL D 16 17.13 -10.11 21.12
C VAL D 16 15.87 -10.88 20.77
N THR D 17 14.82 -10.69 21.56
CA THR D 17 13.54 -11.32 21.31
C THR D 17 12.57 -10.32 20.69
N ALA D 18 11.71 -10.83 19.80
CA ALA D 18 10.70 -9.99 19.17
C ALA D 18 9.37 -10.75 19.11
N ASN D 19 8.29 -10.01 19.24
CA ASN D 19 6.93 -10.55 19.14
C ASN D 19 6.13 -9.73 18.15
N THR D 20 5.50 -10.39 17.19
CA THR D 20 4.72 -9.69 16.19
C THR D 20 3.23 -9.81 16.49
N GLU D 21 2.43 -8.99 15.81
CA GLU D 21 0.97 -9.04 15.99
C GLU D 21 0.42 -10.43 15.65
N ALA D 22 0.99 -11.10 14.64
CA ALA D 22 0.46 -12.38 14.19
C ALA D 22 0.74 -13.51 15.17
N GLY D 23 1.56 -13.27 16.20
CA GLY D 23 1.86 -14.28 17.19
C GLY D 23 3.21 -14.95 17.07
N ASP D 24 4.00 -14.62 16.05
CA ASP D 24 5.31 -15.24 15.93
C ASP D 24 6.25 -14.70 17.00
N GLU D 25 7.15 -15.57 17.47
CA GLU D 25 8.12 -15.22 18.50
C GLU D 25 9.52 -15.45 17.94
N LEU D 26 10.23 -14.34 17.72
CA LEU D 26 11.59 -14.34 17.21
C LEU D 26 12.57 -14.39 18.38
N TYR D 27 13.56 -15.27 18.28
CA TYR D 27 14.69 -15.31 19.22
C TYR D 27 15.95 -15.22 18.37
N LEU D 28 16.55 -14.04 18.29
CA LEU D 28 17.62 -13.76 17.34
C LEU D 28 18.91 -13.48 18.10
N GLN D 29 19.94 -14.29 17.85
CA GLN D 29 21.25 -14.06 18.46
C GLN D 29 21.97 -12.97 17.67
N LEU D 30 21.72 -11.73 18.04
CA LEU D 30 22.29 -10.56 17.40
C LEU D 30 23.55 -10.09 18.13
N PRO D 31 24.56 -9.56 17.40
CA PRO D 31 24.49 -9.45 15.94
C PRO D 31 24.69 -10.77 15.21
N HIS D 32 24.31 -10.78 13.94
CA HIS D 32 24.31 -11.98 13.13
C HIS D 32 25.72 -12.38 12.73
N THR D 33 26.10 -13.59 13.10
CA THR D 33 27.33 -14.24 12.68
C THR D 33 26.93 -15.61 12.15
N PRO D 34 27.81 -16.28 11.41
CA PRO D 34 27.49 -17.66 10.98
C PRO D 34 27.24 -18.61 12.15
N ASP D 35 27.77 -18.31 13.33
CA ASP D 35 27.55 -19.12 14.52
C ASP D 35 26.22 -18.85 15.22
N SER D 36 25.47 -17.84 14.79
CA SER D 36 24.25 -17.48 15.48
C SER D 36 23.16 -18.50 15.18
N GLN D 37 22.31 -18.75 16.18
CA GLN D 37 21.20 -19.68 16.06
C GLN D 37 19.92 -18.94 16.41
N HIS D 38 19.15 -18.59 15.37
CA HIS D 38 17.89 -17.87 15.51
C HIS D 38 16.74 -18.87 15.54
N SER D 39 15.67 -18.48 16.25
CA SER D 39 14.51 -19.34 16.43
C SER D 39 13.23 -18.57 16.10
N ILE D 40 12.32 -19.22 15.40
CA ILE D 40 10.97 -18.72 15.15
C ILE D 40 9.99 -19.70 15.79
N ASN D 41 9.24 -19.22 16.79
CA ASN D 41 8.24 -20.02 17.49
C ASN D 41 8.82 -21.37 17.94
N HIS D 42 9.94 -21.31 18.65
CA HIS D 42 10.65 -22.46 19.19
C HIS D 42 11.11 -23.45 18.13
N GLU D 43 11.12 -23.05 16.86
CA GLU D 43 11.76 -23.82 15.80
C GLU D 43 12.90 -23.01 15.21
N PRO D 44 13.95 -23.67 14.72
CA PRO D 44 15.06 -22.92 14.12
C PRO D 44 14.60 -22.11 12.92
N LEU D 45 15.20 -20.92 12.78
CA LEU D 45 14.85 -19.95 11.75
C LEU D 45 16.01 -19.83 10.77
N ASP D 46 15.72 -19.99 9.48
CA ASP D 46 16.73 -20.04 8.44
C ASP D 46 16.42 -19.05 7.33
N ASP D 47 15.99 -17.84 7.71
CA ASP D 47 15.96 -16.68 6.83
C ASP D 47 16.98 -15.66 7.32
N ASP D 48 18.22 -15.75 6.83
CA ASP D 48 19.27 -14.88 7.36
C ASP D 48 19.09 -13.44 6.90
N ASP D 49 18.44 -13.23 5.75
CA ASP D 49 18.18 -11.87 5.28
C ASP D 49 17.13 -11.20 6.15
N PHE D 50 16.12 -11.96 6.56
CA PHE D 50 15.15 -11.42 7.50
C PHE D 50 15.83 -11.03 8.81
N VAL D 51 16.72 -11.88 9.32
CA VAL D 51 17.38 -11.57 10.58
C VAL D 51 18.26 -10.34 10.42
N LYS D 52 18.84 -10.14 9.23
CA LYS D 52 19.70 -8.97 9.06
C LYS D 52 18.88 -7.69 8.88
N GLU D 53 17.66 -7.81 8.36
CA GLU D 53 16.82 -6.61 8.29
C GLU D 53 16.27 -6.23 9.66
N VAL D 54 15.93 -7.24 10.48
CA VAL D 54 15.53 -6.94 11.84
C VAL D 54 16.72 -6.41 12.63
N GLN D 55 17.92 -6.86 12.30
CA GLN D 55 19.11 -6.35 12.97
C GLN D 55 19.40 -4.92 12.55
N GLU D 56 18.99 -4.53 11.34
CA GLU D 56 19.17 -3.13 10.95
C GLU D 56 18.14 -2.25 11.65
N ILE D 57 16.92 -2.77 11.82
CA ILE D 57 15.92 -2.03 12.59
C ILE D 57 16.36 -1.84 14.04
N CYS D 58 16.95 -2.87 14.66
CA CYS D 58 17.35 -2.72 16.06
C CYS D 58 18.68 -2.01 16.23
N ASP D 59 19.54 -2.07 15.21
CA ASP D 59 20.73 -1.25 15.21
C ASP D 59 20.36 0.23 15.21
N GLU D 60 19.29 0.60 14.50
CA GLU D 60 18.92 2.00 14.50
C GLU D 60 17.93 2.38 15.60
N TYR D 61 17.26 1.41 16.23
CA TYR D 61 16.41 1.71 17.37
C TYR D 61 17.21 1.87 18.65
N PHE D 62 18.04 0.88 18.98
CA PHE D 62 18.87 0.99 20.18
C PHE D 62 20.13 1.80 19.94
N GLY D 63 20.61 1.83 18.71
CA GLY D 63 21.80 2.61 18.41
C GLY D 63 21.59 4.11 18.53
N LYS D 64 20.42 4.60 18.10
CA LYS D 64 20.17 6.04 17.97
C LYS D 64 21.22 6.70 17.08
N GLY D 65 21.48 6.09 15.93
CA GLY D 65 22.45 6.60 15.00
C GLY D 65 23.83 5.97 15.14
N ASP D 66 24.19 5.57 16.35
CA ASP D 66 25.49 4.98 16.63
C ASP D 66 25.32 3.47 16.77
N ARG D 67 25.77 2.73 15.76
CA ARG D 67 25.63 1.28 15.76
C ARG D 67 26.39 0.65 16.92
N THR D 68 27.46 1.30 17.37
CA THR D 68 28.23 0.79 18.49
C THR D 68 27.38 0.75 19.77
N LEU D 69 26.49 1.73 19.96
CA LEU D 69 25.65 1.70 21.14
C LEU D 69 24.70 0.50 21.12
N ALA D 70 24.15 0.18 19.96
CA ALA D 70 23.30 -1.00 19.85
C ALA D 70 24.09 -2.28 20.10
N ARG D 71 25.32 -2.34 19.59
CA ARG D 71 26.14 -3.54 19.80
C ARG D 71 26.51 -3.71 21.27
N LEU D 72 26.86 -2.60 21.94
CA LEU D 72 27.12 -2.67 23.37
C LEU D 72 25.87 -3.08 24.14
N SER D 73 24.69 -2.69 23.66
CA SER D 73 23.47 -3.08 24.35
C SER D 73 23.18 -4.57 24.14
N TYR D 74 23.47 -5.08 22.96
CA TYR D 74 23.36 -6.53 22.74
C TYR D 74 24.30 -7.29 23.68
N ALA D 75 25.55 -6.85 23.77
CA ALA D 75 26.51 -7.53 24.62
C ALA D 75 26.15 -7.41 26.10
N GLY D 76 25.49 -6.33 26.50
CA GLY D 76 25.16 -6.12 27.90
C GLY D 76 23.79 -6.61 28.33
N GLY D 77 22.94 -6.99 27.39
CA GLY D 77 21.61 -7.48 27.74
C GLY D 77 20.65 -6.41 28.19
N GLN D 78 20.94 -5.14 27.90
CA GLN D 78 20.06 -4.03 28.29
C GLN D 78 20.32 -2.86 27.37
N ALA D 79 19.28 -2.04 27.19
CA ALA D 79 19.34 -0.87 26.31
C ALA D 79 20.09 0.25 27.00
N TYR D 80 21.32 0.52 26.57
CA TYR D 80 22.08 1.63 27.11
C TYR D 80 21.69 2.94 26.44
N ASP D 81 21.94 4.05 27.13
CA ASP D 81 21.62 5.38 26.62
C ASP D 81 22.80 6.06 25.94
N SER D 82 24.01 5.85 26.44
CA SER D 82 25.21 6.47 25.88
C SER D 82 26.42 5.68 26.35
N TYR D 83 27.57 6.01 25.78
CA TYR D 83 28.81 5.34 26.16
C TYR D 83 30.00 6.26 25.88
N THR D 84 31.12 5.92 26.50
CA THR D 84 32.39 6.57 26.26
C THR D 84 33.39 5.48 25.91
N GLU D 85 34.39 5.84 25.11
CA GLU D 85 35.38 4.88 24.69
C GLU D 85 36.76 5.39 25.05
N GLU D 86 37.56 4.53 25.66
CA GLU D 86 38.94 4.91 25.91
C GLU D 86 39.77 3.64 25.95
N ASP D 87 40.84 3.68 25.13
CA ASP D 87 41.78 2.60 24.78
C ASP D 87 41.08 1.24 24.65
N GLY D 88 40.00 1.18 23.87
CA GLY D 88 39.33 -0.10 23.63
C GLY D 88 38.32 -0.51 24.67
N VAL D 89 38.19 0.23 25.75
CA VAL D 89 37.23 -0.09 26.80
C VAL D 89 36.09 0.91 26.71
N TYR D 90 34.87 0.38 26.67
CA TYR D 90 33.66 1.17 26.50
C TYR D 90 32.91 1.16 27.82
N THR D 91 32.66 2.36 28.35
CA THR D 91 31.94 2.51 29.61
C THR D 91 30.59 3.13 29.32
N THR D 92 29.52 2.45 29.70
CA THR D 92 28.18 2.95 29.46
C THR D 92 27.74 3.82 30.63
N ASN D 93 26.50 4.33 30.55
CA ASN D 93 26.00 5.21 31.60
C ASN D 93 25.75 4.44 32.90
N THR D 94 25.57 3.12 32.81
CA THR D 94 25.39 2.27 33.98
C THR D 94 26.73 1.89 34.61
N GLY D 95 27.84 2.35 34.04
CA GLY D 95 29.14 1.98 34.54
C GLY D 95 29.66 0.67 34.00
N ASP D 96 28.84 -0.07 33.27
CA ASP D 96 29.27 -1.34 32.70
C ASP D 96 30.36 -1.11 31.66
N GLN D 97 31.42 -1.90 31.74
CA GLN D 97 32.54 -1.78 30.83
C GLN D 97 32.51 -2.90 29.81
N PHE D 98 33.00 -2.60 28.61
CA PHE D 98 33.04 -3.57 27.52
C PHE D 98 34.33 -3.39 26.73
N VAL D 99 34.78 -4.48 26.11
CA VAL D 99 35.88 -4.46 25.16
C VAL D 99 35.40 -5.17 23.89
N GLU D 100 36.23 -5.10 22.85
CA GLU D 100 35.90 -5.78 21.61
C GLU D 100 35.96 -7.29 21.84
N HIS D 101 34.98 -8.01 21.30
CA HIS D 101 34.94 -9.45 21.48
C HIS D 101 36.10 -10.13 20.77
N SER D 102 36.47 -11.30 21.29
CA SER D 102 37.62 -12.02 20.73
C SER D 102 37.36 -12.51 19.31
N TYR D 103 36.10 -12.75 18.94
CA TYR D 103 35.73 -13.24 17.61
C TYR D 103 35.47 -12.12 16.61
N ALA D 104 35.62 -10.86 17.03
CA ALA D 104 35.15 -9.74 16.21
C ALA D 104 35.89 -9.64 14.88
N ASP D 105 37.22 -9.69 14.91
CA ASP D 105 37.99 -9.46 13.68
C ASP D 105 37.88 -10.61 12.69
N TYR D 106 37.54 -11.81 13.15
CA TYR D 106 37.45 -12.97 12.28
C TYR D 106 36.05 -13.16 11.70
N TYR D 107 35.00 -12.81 12.45
CA TYR D 107 33.66 -12.77 11.90
C TYR D 107 33.40 -11.53 11.04
N ASN D 108 34.28 -10.53 11.10
CA ASN D 108 34.02 -9.20 10.56
C ASN D 108 32.64 -8.71 10.99
N VAL D 109 32.37 -8.81 12.30
CA VAL D 109 31.16 -8.27 12.91
C VAL D 109 31.57 -7.46 14.14
N GLU D 110 30.88 -6.37 14.38
CA GLU D 110 31.11 -5.55 15.57
C GLU D 110 30.42 -6.22 16.76
N VAL D 111 31.20 -6.93 17.58
CA VAL D 111 30.70 -7.60 18.78
C VAL D 111 31.56 -7.19 19.96
N TYR D 112 30.98 -7.24 21.15
CA TYR D 112 31.66 -6.74 22.34
C TYR D 112 31.59 -7.76 23.48
N CYS D 113 32.57 -7.66 24.36
CA CYS D 113 32.75 -8.55 25.50
C CYS D 113 32.59 -7.76 26.79
N LYS D 114 31.86 -8.32 27.75
CA LYS D 114 31.61 -7.65 29.03
C LYS D 114 32.86 -7.77 29.88
N ALA D 115 33.68 -6.71 29.89
CA ALA D 115 34.95 -6.69 30.63
C ALA D 115 34.87 -5.68 31.78
N ASP D 116 34.39 -6.15 32.94
CA ASP D 116 34.15 -5.23 34.05
C ASP D 116 35.44 -4.85 34.79
N LEU D 117 36.33 -5.82 35.00
CA LEU D 117 37.49 -5.59 35.87
C LEU D 117 38.77 -5.24 35.11
N VAL D 118 38.66 -4.94 33.82
CA VAL D 118 39.83 -4.59 33.02
C VAL D 118 40.42 -3.25 33.47
N ALA E 1 20.75 20.47 -0.14
CA ALA E 1 21.19 19.76 -1.34
C ALA E 1 20.47 20.28 -2.59
N GLY E 2 19.71 19.39 -3.25
CA GLY E 2 19.15 19.70 -4.56
C GLY E 2 17.85 20.48 -4.49
N SER E 3 17.55 21.16 -5.59
CA SER E 3 16.43 22.09 -5.70
C SER E 3 15.36 21.48 -6.60
N MET E 4 14.46 20.69 -6.00
CA MET E 4 13.43 20.04 -6.80
C MET E 4 12.16 19.92 -5.99
N LYS E 5 11.10 19.49 -6.65
CA LYS E 5 9.76 19.55 -6.09
C LYS E 5 9.51 18.44 -5.08
N LEU E 6 8.84 18.79 -3.99
CA LEU E 6 8.23 17.78 -3.12
C LEU E 6 6.81 17.65 -3.64
N LEU E 7 6.43 16.45 -4.08
CA LEU E 7 5.14 16.35 -4.77
C LEU E 7 4.03 15.99 -3.80
N ASN E 8 4.30 15.12 -2.85
CA ASN E 8 3.42 14.90 -1.71
C ASN E 8 3.89 15.59 -0.44
N ILE E 9 2.93 16.17 0.24
CA ILE E 9 3.05 16.71 1.58
C ILE E 9 1.76 16.34 2.33
N LYS E 10 1.93 15.69 3.49
CA LYS E 10 0.84 15.31 4.37
C LYS E 10 1.31 15.53 5.80
N ILE E 11 0.38 15.81 6.71
CA ILE E 11 0.71 16.16 8.09
C ILE E 11 -0.06 15.26 9.05
N ASN E 12 0.64 14.74 10.05
CA ASN E 12 0.08 13.93 11.12
C ASN E 12 0.51 14.47 12.50
N GLU E 13 0.18 13.72 13.55
CA GLU E 13 0.60 13.75 14.95
C GLU E 13 2.08 14.06 15.03
N PHE E 14 2.81 13.27 14.22
CA PHE E 14 4.13 12.77 14.55
C PHE E 14 5.13 13.25 13.56
N ALA E 15 4.66 13.67 12.39
CA ALA E 15 5.59 14.02 11.35
C ALA E 15 4.83 14.51 10.13
N VAL E 16 5.57 15.19 9.28
CA VAL E 16 5.16 15.53 7.92
C VAL E 16 5.73 14.47 6.99
N THR E 17 4.87 13.87 6.18
CA THR E 17 5.30 12.90 5.18
C THR E 17 5.35 13.59 3.82
N ALA E 18 6.35 13.24 3.02
CA ALA E 18 6.53 13.85 1.72
C ALA E 18 6.98 12.80 0.72
N ASN E 19 6.62 13.04 -0.53
CA ASN E 19 7.11 12.23 -1.64
C ASN E 19 7.74 13.15 -2.67
N THR E 20 8.96 12.83 -3.08
CA THR E 20 9.78 13.61 -3.99
C THR E 20 9.66 13.05 -5.42
N GLU E 21 10.23 13.81 -6.37
CA GLU E 21 10.18 13.40 -7.78
C GLU E 21 10.71 12.00 -7.99
N ALA E 22 11.77 11.62 -7.29
CA ALA E 22 12.36 10.32 -7.52
C ALA E 22 11.50 9.19 -6.95
N GLY E 23 10.49 9.49 -6.14
CA GLY E 23 9.65 8.48 -5.54
C GLY E 23 10.00 8.16 -4.11
N ASP E 24 11.04 8.80 -3.56
CA ASP E 24 11.48 8.59 -2.20
C ASP E 24 10.49 9.18 -1.21
N GLU E 25 10.51 8.64 0.01
CA GLU E 25 9.56 9.00 1.06
C GLU E 25 10.27 9.71 2.20
N LEU E 26 9.94 10.99 2.37
CA LEU E 26 10.43 11.81 3.47
C LEU E 26 9.52 11.62 4.66
N TYR E 27 10.10 11.40 5.84
CA TYR E 27 9.36 11.37 7.09
C TYR E 27 10.07 12.34 8.03
N LEU E 28 9.54 13.55 8.17
CA LEU E 28 10.23 14.66 8.81
C LEU E 28 9.47 15.08 10.07
N GLN E 29 10.13 15.00 11.22
CA GLN E 29 9.56 15.51 12.47
C GLN E 29 9.85 17.01 12.54
N LEU E 30 8.96 17.80 11.96
CA LEU E 30 9.07 19.26 11.87
C LEU E 30 8.37 19.94 13.05
N PRO E 31 8.92 21.06 13.56
CA PRO E 31 10.15 21.72 13.11
C PRO E 31 11.41 20.97 13.53
N HIS E 32 12.54 21.28 12.90
CA HIS E 32 13.77 20.54 13.17
C HIS E 32 14.37 21.03 14.48
N THR E 33 14.38 20.15 15.48
CA THR E 33 15.02 20.33 16.77
C THR E 33 15.78 19.05 17.08
N PRO E 34 16.63 19.03 18.12
CA PRO E 34 17.31 17.77 18.50
C PRO E 34 16.40 16.57 18.77
N ASP E 35 15.12 16.79 19.07
CA ASP E 35 14.22 15.66 19.28
C ASP E 35 13.77 15.00 17.98
N SER E 36 14.05 15.61 16.84
CA SER E 36 13.52 15.13 15.57
C SER E 36 14.34 13.99 14.98
N GLN E 37 13.62 13.03 14.35
CA GLN E 37 14.23 11.96 13.55
C GLN E 37 13.62 12.05 12.17
N HIS E 38 14.38 12.50 11.19
CA HIS E 38 13.86 12.52 9.84
C HIS E 38 14.28 11.22 9.16
N SER E 39 13.45 10.77 8.23
CA SER E 39 13.70 9.49 7.57
C SER E 39 13.57 9.65 6.06
N ILE E 40 14.50 9.04 5.33
CA ILE E 40 14.43 8.93 3.87
C ILE E 40 14.30 7.45 3.55
N ASN E 41 13.16 7.06 2.97
CA ASN E 41 12.85 5.66 2.65
C ASN E 41 13.11 4.75 3.86
N HIS E 42 12.54 5.16 5.00
CA HIS E 42 12.59 4.57 6.34
C HIS E 42 14.03 4.39 6.84
N GLU E 43 15.01 5.11 6.30
CA GLU E 43 16.31 5.09 6.95
C GLU E 43 16.61 6.45 7.59
N PRO E 44 17.33 6.48 8.70
CA PRO E 44 17.59 7.75 9.40
C PRO E 44 18.35 8.76 8.56
N LEU E 45 17.99 10.03 8.74
CA LEU E 45 18.57 11.15 8.00
C LEU E 45 19.24 12.15 8.96
N ASP E 46 20.55 12.40 8.85
CA ASP E 46 21.30 13.51 9.47
C ASP E 46 21.65 14.67 8.55
N ASP E 47 21.44 14.61 7.22
CA ASP E 47 21.53 15.85 6.44
C ASP E 47 20.81 17.05 7.04
N ASP E 48 21.51 17.85 7.83
CA ASP E 48 20.78 18.98 8.39
C ASP E 48 20.48 20.02 7.32
N ASP E 49 21.33 20.14 6.29
CA ASP E 49 21.05 21.11 5.24
C ASP E 49 19.87 20.68 4.38
N PHE E 50 19.80 19.39 4.05
CA PHE E 50 18.65 18.84 3.33
C PHE E 50 17.37 19.00 4.13
N VAL E 51 17.41 18.65 5.43
CA VAL E 51 16.19 18.75 6.22
C VAL E 51 15.77 20.21 6.39
N LYS E 52 16.70 21.15 6.46
CA LYS E 52 16.27 22.54 6.61
C LYS E 52 15.78 23.14 5.30
N GLU E 53 16.25 22.61 4.17
CA GLU E 53 15.73 23.07 2.89
C GLU E 53 14.33 22.53 2.65
N VAL E 54 14.08 21.27 2.99
CA VAL E 54 12.72 20.74 2.90
C VAL E 54 11.84 21.38 3.96
N GLN E 55 12.41 21.79 5.09
CA GLN E 55 11.61 22.45 6.12
C GLN E 55 11.20 23.84 5.69
N GLU E 56 12.00 24.52 4.86
CA GLU E 56 11.54 25.80 4.35
C GLU E 56 10.51 25.62 3.24
N ILE E 57 10.67 24.52 2.48
CA ILE E 57 9.68 24.10 1.49
C ILE E 57 8.32 23.92 2.17
N CYS E 58 8.30 23.20 3.28
CA CYS E 58 7.04 22.86 3.96
C CYS E 58 6.53 23.97 4.86
N ASP E 59 7.43 24.81 5.36
CA ASP E 59 7.04 25.99 6.11
C ASP E 59 6.20 26.92 5.24
N GLU E 60 6.60 27.07 3.98
CA GLU E 60 5.86 27.95 3.11
C GLU E 60 4.80 27.23 2.28
N TYR E 61 4.78 25.91 2.30
CA TYR E 61 3.63 25.18 1.74
C TYR E 61 2.44 25.23 2.69
N PHE E 62 2.69 24.95 3.97
CA PHE E 62 1.63 24.97 4.98
C PHE E 62 1.27 26.40 5.37
N GLY E 63 2.27 27.19 5.76
CA GLY E 63 2.02 28.57 6.13
C GLY E 63 2.45 29.57 5.07
N LYS E 64 1.50 30.05 4.26
CA LYS E 64 1.82 30.88 3.10
C LYS E 64 2.34 32.22 3.58
N GLY E 65 3.66 32.37 3.61
CA GLY E 65 4.25 33.63 4.03
C GLY E 65 4.39 33.71 5.54
N ASP E 66 3.48 33.05 6.25
CA ASP E 66 3.41 33.11 7.71
C ASP E 66 4.03 31.82 8.25
N ARG E 67 5.26 31.93 8.75
CA ARG E 67 5.92 30.76 9.34
C ARG E 67 5.21 30.32 10.61
N THR E 68 4.58 31.25 11.32
CA THR E 68 3.87 30.91 12.54
C THR E 68 2.70 29.97 12.27
N LEU E 69 1.99 30.17 11.15
CA LEU E 69 0.89 29.28 10.81
C LEU E 69 1.40 27.86 10.52
N ALA E 70 2.52 27.74 9.82
CA ALA E 70 3.09 26.43 9.56
C ALA E 70 3.56 25.77 10.85
N ARG E 71 4.16 26.53 11.76
CA ARG E 71 4.64 25.95 13.01
C ARG E 71 3.47 25.50 13.89
N LEU E 72 2.40 26.30 13.94
CA LEU E 72 1.20 25.87 14.66
C LEU E 72 0.57 24.65 14.01
N SER E 73 0.66 24.53 12.69
CA SER E 73 0.10 23.36 12.03
C SER E 73 0.93 22.12 12.32
N TYR E 74 2.25 22.28 12.41
CA TYR E 74 3.11 21.19 12.86
C TYR E 74 2.73 20.77 14.28
N ALA E 75 2.54 21.74 15.17
CA ALA E 75 2.22 21.43 16.55
C ALA E 75 0.85 20.75 16.68
N GLY E 76 -0.08 21.07 15.80
CA GLY E 76 -1.41 20.49 15.89
C GLY E 76 -1.64 19.23 15.08
N GLY E 77 -0.71 18.87 14.21
CA GLY E 77 -0.86 17.69 13.39
C GLY E 77 -1.82 17.82 12.24
N GLN E 78 -2.17 19.05 11.84
CA GLN E 78 -3.08 19.26 10.72
C GLN E 78 -2.82 20.65 10.17
N ALA E 79 -3.14 20.84 8.88
CA ALA E 79 -2.91 22.10 8.20
C ALA E 79 -3.96 23.12 8.63
N TYR E 80 -3.55 24.09 9.44
CA TYR E 80 -4.47 25.15 9.83
C TYR E 80 -4.54 26.22 8.75
N ASP E 81 -5.68 26.90 8.71
CA ASP E 81 -5.93 27.97 7.74
C ASP E 81 -5.73 29.37 8.31
N SER E 82 -6.01 29.58 9.59
CA SER E 82 -5.89 30.91 10.18
C SER E 82 -5.70 30.76 11.68
N TYR E 83 -5.32 31.87 12.32
CA TYR E 83 -5.11 31.87 13.77
C TYR E 83 -5.29 33.29 14.29
N THR E 84 -5.50 33.36 15.60
CA THR E 84 -5.57 34.60 16.36
C THR E 84 -4.60 34.50 17.53
N GLU E 85 -4.08 35.64 17.97
CA GLU E 85 -3.14 35.66 19.09
C GLU E 85 -3.63 36.65 20.13
N GLU E 86 -3.60 36.23 21.40
CA GLU E 86 -3.91 37.11 22.52
C GLU E 86 -3.20 36.54 23.74
N ASP E 87 -2.45 37.36 24.50
CA ASP E 87 -1.77 36.86 25.70
C ASP E 87 -0.79 35.73 25.44
N GLY E 88 -0.20 35.68 24.25
CA GLY E 88 0.73 34.62 24.03
C GLY E 88 0.06 33.31 23.68
N VAL E 89 -1.26 33.31 23.66
CA VAL E 89 -2.05 32.13 23.37
C VAL E 89 -2.58 32.27 21.95
N TYR E 90 -2.36 31.22 21.16
CA TYR E 90 -2.71 31.19 19.75
C TYR E 90 -3.90 30.24 19.57
N THR E 91 -4.99 30.76 19.02
CA THR E 91 -6.19 29.98 18.77
C THR E 91 -6.37 29.86 17.27
N THR E 92 -6.44 28.62 16.76
CA THR E 92 -6.60 28.43 15.33
C THR E 92 -8.08 28.40 14.96
N ASN E 93 -8.35 28.21 13.67
CA ASN E 93 -9.73 28.23 13.19
C ASN E 93 -10.52 27.02 13.63
N THR E 94 -9.84 25.91 13.95
CA THR E 94 -10.51 24.71 14.47
C THR E 94 -10.74 24.78 15.98
N GLY E 95 -10.40 25.90 16.61
CA GLY E 95 -10.54 26.07 18.05
C GLY E 95 -9.39 25.56 18.87
N ASP E 96 -8.42 24.86 18.26
CA ASP E 96 -7.26 24.37 18.99
C ASP E 96 -6.40 25.54 19.44
N GLN E 97 -6.01 25.53 20.70
CA GLN E 97 -5.17 26.58 21.27
C GLN E 97 -3.74 26.07 21.47
N PHE E 98 -2.78 26.98 21.31
CA PHE E 98 -1.37 26.66 21.45
C PHE E 98 -0.66 27.79 22.18
N VAL E 99 0.45 27.44 22.83
CA VAL E 99 1.36 28.44 23.41
C VAL E 99 2.77 28.10 22.93
N GLU E 100 3.72 28.97 23.24
CA GLU E 100 5.10 28.70 22.88
C GLU E 100 5.59 27.49 23.65
N HIS E 101 6.27 26.58 22.95
CA HIS E 101 6.76 25.36 23.57
C HIS E 101 7.88 25.66 24.56
N SER E 102 8.01 24.76 25.54
CA SER E 102 9.03 24.93 26.56
C SER E 102 10.44 24.82 25.99
N TYR E 103 10.59 24.19 24.83
CA TYR E 103 11.89 24.00 24.19
C TYR E 103 12.29 25.17 23.33
N ALA E 104 11.46 26.21 23.24
CA ALA E 104 11.68 27.26 22.24
C ALA E 104 12.97 28.03 22.51
N ASP E 105 13.16 28.50 23.74
CA ASP E 105 14.32 29.33 24.05
C ASP E 105 15.61 28.52 24.13
N TYR E 106 15.53 27.21 24.36
CA TYR E 106 16.75 26.41 24.50
C TYR E 106 17.26 25.93 23.15
N TYR E 107 16.35 25.53 22.27
CA TYR E 107 16.69 25.21 20.89
C TYR E 107 16.78 26.43 19.99
N ASN E 108 16.30 27.60 20.44
CA ASN E 108 16.09 28.76 19.58
C ASN E 108 15.40 28.36 18.27
N VAL E 109 14.28 27.65 18.43
CA VAL E 109 13.41 27.25 17.34
C VAL E 109 11.99 27.72 17.63
N GLU E 110 11.28 28.13 16.59
CA GLU E 110 9.87 28.49 16.76
C GLU E 110 9.08 27.20 16.85
N VAL E 111 8.74 26.80 18.08
CA VAL E 111 7.97 25.58 18.33
C VAL E 111 6.80 25.95 19.23
N TYR E 112 5.73 25.15 19.14
CA TYR E 112 4.52 25.42 19.90
C TYR E 112 4.02 24.15 20.55
N CYS E 113 3.30 24.32 21.66
CA CYS E 113 2.73 23.23 22.44
C CYS E 113 1.22 23.33 22.43
N LYS E 114 0.60 22.15 22.33
CA LYS E 114 -0.84 21.91 22.19
C LYS E 114 -1.54 22.11 23.54
N ALA E 115 -2.10 23.31 23.71
CA ALA E 115 -2.85 23.72 24.90
C ALA E 115 -2.33 23.13 26.21
N ALA F 1 -30.72 16.04 -2.16
CA ALA F 1 -30.68 17.23 -1.33
C ALA F 1 -32.03 17.93 -1.31
N GLY F 2 -32.09 19.11 -1.92
CA GLY F 2 -33.35 19.84 -1.98
C GLY F 2 -34.37 19.10 -2.82
N SER F 3 -35.54 18.84 -2.23
CA SER F 3 -36.60 18.09 -2.91
C SER F 3 -37.86 18.92 -3.09
N MET F 4 -37.74 20.06 -3.74
CA MET F 4 -38.89 20.86 -4.15
C MET F 4 -38.83 21.09 -5.65
N LYS F 5 -39.90 21.66 -6.19
CA LYS F 5 -40.08 21.71 -7.64
C LYS F 5 -39.24 22.83 -8.26
N LEU F 6 -38.77 22.55 -9.47
CA LEU F 6 -38.14 23.58 -10.28
C LEU F 6 -39.29 24.25 -11.02
N LEU F 7 -39.41 25.56 -10.84
CA LEU F 7 -40.55 26.27 -11.38
C LEU F 7 -40.21 27.00 -12.66
N ASN F 8 -38.92 27.14 -12.96
CA ASN F 8 -38.58 27.75 -14.24
C ASN F 8 -37.17 27.32 -14.64
N ILE F 9 -37.01 26.96 -15.92
CA ILE F 9 -35.73 26.52 -16.45
C ILE F 9 -35.51 27.25 -17.75
N LYS F 10 -34.35 27.90 -17.86
CA LYS F 10 -34.04 28.71 -19.02
C LYS F 10 -32.56 28.64 -19.36
N ILE F 11 -32.29 28.66 -20.66
CA ILE F 11 -31.00 28.20 -21.13
C ILE F 11 -30.30 29.24 -21.97
N ASN F 12 -29.02 29.37 -21.69
CA ASN F 12 -28.09 30.05 -22.51
C ASN F 12 -26.94 29.09 -22.78
N GLU F 13 -25.95 29.73 -23.40
CA GLU F 13 -24.60 29.39 -23.83
C GLU F 13 -23.52 29.40 -22.75
N PHE F 14 -23.81 29.95 -21.58
CA PHE F 14 -22.86 30.03 -20.48
C PHE F 14 -23.32 29.26 -19.26
N ALA F 15 -24.61 28.93 -19.21
CA ALA F 15 -25.21 28.16 -18.12
C ALA F 15 -26.69 27.94 -18.41
N VAL F 16 -27.24 26.96 -17.69
CA VAL F 16 -28.68 26.78 -17.53
C VAL F 16 -29.03 27.43 -16.20
N THR F 17 -29.96 28.37 -16.22
CA THR F 17 -30.44 28.95 -14.98
C THR F 17 -31.82 28.39 -14.65
N ALA F 18 -32.07 28.23 -13.36
CA ALA F 18 -33.32 27.67 -12.88
C ALA F 18 -33.82 28.43 -11.66
N ASN F 19 -35.12 28.46 -11.49
CA ASN F 19 -35.76 29.04 -10.31
C ASN F 19 -36.64 27.99 -9.67
N THR F 20 -36.44 27.77 -8.37
CA THR F 20 -37.11 26.76 -7.57
C THR F 20 -38.24 27.38 -6.76
N GLU F 21 -39.04 26.50 -6.12
CA GLU F 21 -40.15 26.93 -5.28
C GLU F 21 -39.68 27.88 -4.18
N ALA F 22 -38.52 27.60 -3.59
CA ALA F 22 -38.06 28.35 -2.42
C ALA F 22 -37.59 29.75 -2.78
N GLY F 23 -37.45 30.08 -4.06
CA GLY F 23 -37.00 31.40 -4.46
C GLY F 23 -35.54 31.46 -4.84
N ASP F 24 -34.81 30.36 -4.70
CA ASP F 24 -33.40 30.36 -5.07
C ASP F 24 -33.25 30.41 -6.57
N GLU F 25 -32.17 31.04 -7.02
CA GLU F 25 -31.89 31.18 -8.45
C GLU F 25 -30.56 30.48 -8.70
N LEU F 26 -30.63 29.35 -9.40
CA LEU F 26 -29.46 28.59 -9.77
C LEU F 26 -28.94 29.06 -11.11
N TYR F 27 -27.62 29.22 -11.20
CA TYR F 27 -26.92 29.48 -12.46
C TYR F 27 -25.88 28.37 -12.57
N LEU F 28 -26.18 27.33 -13.36
CA LEU F 28 -25.40 26.10 -13.39
C LEU F 28 -24.72 25.95 -14.74
N GLN F 29 -23.40 25.88 -14.74
CA GLN F 29 -22.63 25.65 -15.96
C GLN F 29 -22.69 24.16 -16.26
N LEU F 30 -23.72 23.75 -17.00
CA LEU F 30 -23.96 22.36 -17.36
C LEU F 30 -23.31 22.04 -18.70
N PRO F 31 -22.77 20.82 -18.88
CA PRO F 31 -22.74 19.73 -17.89
C PRO F 31 -21.71 19.99 -16.79
N HIS F 32 -21.81 19.23 -15.71
CA HIS F 32 -20.91 19.41 -14.57
C HIS F 32 -19.55 18.81 -14.90
N THR F 33 -18.53 19.66 -14.95
CA THR F 33 -17.15 19.29 -15.11
C THR F 33 -16.32 20.05 -14.08
N PRO F 34 -15.05 19.69 -13.89
CA PRO F 34 -14.19 20.51 -13.01
C PRO F 34 -14.10 21.95 -13.44
N ASP F 35 -14.37 22.26 -14.72
CA ASP F 35 -14.36 23.65 -15.16
C ASP F 35 -15.64 24.40 -14.78
N SER F 36 -16.70 23.69 -14.40
CA SER F 36 -17.97 24.36 -14.17
C SER F 36 -18.01 25.00 -12.79
N GLN F 37 -18.55 26.21 -12.73
CA GLN F 37 -18.74 26.94 -11.47
C GLN F 37 -20.18 27.44 -11.38
N HIS F 38 -20.96 26.86 -10.47
CA HIS F 38 -22.36 27.17 -10.33
C HIS F 38 -22.60 28.25 -9.29
N SER F 39 -23.71 28.98 -9.46
CA SER F 39 -24.05 30.09 -8.60
C SER F 39 -25.45 29.91 -8.06
N ILE F 40 -25.62 30.16 -6.76
CA ILE F 40 -26.94 30.20 -6.13
C ILE F 40 -27.14 31.59 -5.54
N ASN F 41 -28.12 32.33 -6.08
CA ASN F 41 -28.43 33.69 -5.64
C ASN F 41 -27.16 34.55 -5.59
N HIS F 42 -26.41 34.53 -6.69
CA HIS F 42 -25.17 35.28 -6.87
C HIS F 42 -24.11 34.95 -5.82
N GLU F 43 -24.25 33.83 -5.12
CA GLU F 43 -23.22 33.31 -4.25
C GLU F 43 -22.69 31.99 -4.81
N PRO F 44 -21.41 31.68 -4.59
CA PRO F 44 -20.87 30.43 -5.14
C PRO F 44 -21.58 29.23 -4.55
N LEU F 45 -21.84 28.26 -5.41
CA LEU F 45 -22.58 27.04 -5.09
C LEU F 45 -21.61 25.88 -5.23
N ASP F 46 -21.44 25.15 -4.14
CA ASP F 46 -20.54 24.04 -3.90
C ASP F 46 -21.15 22.85 -3.20
N ASP F 47 -22.38 22.52 -3.52
CA ASP F 47 -22.92 21.19 -3.23
C ASP F 47 -23.14 20.49 -4.57
N ASP F 48 -22.13 19.74 -4.98
CA ASP F 48 -22.19 19.11 -6.30
C ASP F 48 -23.18 17.95 -6.33
N ASP F 49 -23.59 17.42 -5.18
CA ASP F 49 -24.69 16.46 -5.20
C ASP F 49 -25.97 17.13 -5.65
N PHE F 50 -26.19 18.36 -5.17
CA PHE F 50 -27.29 19.17 -5.65
C PHE F 50 -27.16 19.49 -7.13
N VAL F 51 -25.94 19.84 -7.59
CA VAL F 51 -25.77 20.16 -9.00
C VAL F 51 -26.02 18.95 -9.86
N LYS F 52 -25.66 17.76 -9.40
CA LYS F 52 -25.89 16.56 -10.21
C LYS F 52 -27.34 16.13 -10.15
N GLU F 53 -28.06 16.49 -9.10
CA GLU F 53 -29.49 16.20 -9.02
C GLU F 53 -30.29 17.12 -9.95
N VAL F 54 -29.93 18.41 -9.96
CA VAL F 54 -30.55 19.31 -10.93
C VAL F 54 -30.10 18.98 -12.33
N GLN F 55 -28.88 18.46 -12.50
CA GLN F 55 -28.42 18.08 -13.82
C GLN F 55 -29.13 16.85 -14.33
N GLU F 56 -29.59 15.97 -13.45
CA GLU F 56 -30.36 14.83 -13.95
C GLU F 56 -31.79 15.25 -14.29
N ILE F 57 -32.34 16.18 -13.52
CA ILE F 57 -33.65 16.73 -13.89
C ILE F 57 -33.57 17.44 -15.24
N CYS F 58 -32.49 18.18 -15.49
CA CYS F 58 -32.40 18.93 -16.74
C CYS F 58 -31.91 18.06 -17.90
N ASP F 59 -31.18 16.99 -17.60
CA ASP F 59 -30.86 16.03 -18.63
C ASP F 59 -32.12 15.37 -19.17
N GLU F 60 -33.09 15.10 -18.28
CA GLU F 60 -34.29 14.48 -18.82
C GLU F 60 -35.34 15.48 -19.25
N TYR F 61 -35.19 16.77 -18.91
CA TYR F 61 -36.08 17.77 -19.51
C TYR F 61 -35.63 18.15 -20.92
N PHE F 62 -34.36 18.50 -21.09
CA PHE F 62 -33.88 18.90 -22.40
C PHE F 62 -33.59 17.71 -23.31
N GLY F 63 -33.26 16.56 -22.75
CA GLY F 63 -33.06 15.39 -23.58
C GLY F 63 -34.29 14.80 -24.24
N LYS F 64 -35.49 15.21 -23.81
CA LYS F 64 -36.73 14.41 -23.90
C LYS F 64 -36.46 12.94 -24.14
N GLY F 65 -35.64 12.31 -23.32
CA GLY F 65 -35.37 10.88 -23.39
C GLY F 65 -33.93 10.54 -23.73
N ASP F 66 -33.27 11.36 -24.55
CA ASP F 66 -31.89 11.13 -24.99
C ASP F 66 -30.99 12.14 -24.28
N ARG F 67 -30.16 11.66 -23.35
CA ARG F 67 -29.26 12.58 -22.66
C ARG F 67 -28.28 13.25 -23.61
N THR F 68 -27.93 12.59 -24.72
CA THR F 68 -27.04 13.21 -25.71
C THR F 68 -27.65 14.48 -26.27
N LEU F 69 -28.97 14.48 -26.48
CA LEU F 69 -29.63 15.69 -26.96
C LEU F 69 -29.54 16.81 -25.92
N ALA F 70 -29.66 16.47 -24.64
CA ALA F 70 -29.53 17.49 -23.60
C ALA F 70 -28.12 18.06 -23.57
N ARG F 71 -27.12 17.20 -23.75
CA ARG F 71 -25.74 17.69 -23.76
C ARG F 71 -25.47 18.57 -24.98
N LEU F 72 -25.99 18.16 -26.15
CA LEU F 72 -25.89 18.98 -27.34
C LEU F 72 -26.64 20.31 -27.16
N SER F 73 -27.72 20.32 -26.39
CA SER F 73 -28.45 21.57 -26.15
C SER F 73 -27.71 22.48 -25.18
N TYR F 74 -27.04 21.91 -24.19
CA TYR F 74 -26.16 22.71 -23.34
C TYR F 74 -25.07 23.37 -24.19
N ALA F 75 -24.46 22.59 -25.07
CA ALA F 75 -23.45 23.15 -25.96
C ALA F 75 -24.05 24.14 -26.94
N GLY F 76 -25.32 23.97 -27.29
CA GLY F 76 -25.97 24.83 -28.26
C GLY F 76 -26.73 26.01 -27.69
N GLY F 77 -26.96 26.05 -26.38
CA GLY F 77 -27.62 27.17 -25.77
C GLY F 77 -29.10 27.30 -26.04
N GLN F 78 -29.74 26.23 -26.53
CA GLN F 78 -31.16 26.28 -26.86
C GLN F 78 -31.70 24.86 -26.79
N ALA F 79 -32.99 24.76 -26.52
CA ALA F 79 -33.63 23.44 -26.41
C ALA F 79 -33.81 22.90 -27.82
N TYR F 80 -32.99 21.91 -28.19
CA TYR F 80 -33.10 21.31 -29.51
C TYR F 80 -34.21 20.26 -29.50
N ASP F 81 -34.75 20.01 -30.70
CA ASP F 81 -35.82 19.04 -30.87
C ASP F 81 -35.32 17.67 -31.29
N SER F 82 -34.26 17.63 -32.09
CA SER F 82 -33.75 16.36 -32.62
C SER F 82 -32.31 16.55 -33.05
N TYR F 83 -31.66 15.44 -33.32
CA TYR F 83 -30.31 15.48 -33.85
C TYR F 83 -30.04 14.19 -34.61
N THR F 84 -29.06 14.26 -35.49
CA THR F 84 -28.52 13.11 -36.19
C THR F 84 -27.01 13.14 -36.01
N GLU F 85 -26.40 11.96 -36.07
CA GLU F 85 -24.96 11.85 -35.90
C GLU F 85 -24.37 11.12 -37.09
N GLU F 86 -23.24 11.64 -37.57
CA GLU F 86 -22.47 10.99 -38.62
C GLU F 86 -21.02 11.42 -38.45
N ASP F 87 -20.10 10.47 -38.48
CA ASP F 87 -18.64 10.70 -38.48
C ASP F 87 -18.15 11.42 -37.22
N GLY F 88 -18.92 11.39 -36.13
CA GLY F 88 -18.55 12.12 -34.96
C GLY F 88 -19.06 13.54 -34.94
N VAL F 89 -19.74 13.98 -35.98
CA VAL F 89 -20.33 15.31 -36.08
C VAL F 89 -21.83 15.17 -35.85
N TYR F 90 -22.36 15.98 -34.95
CA TYR F 90 -23.75 15.93 -34.54
C TYR F 90 -24.45 17.17 -35.08
N THR F 91 -25.46 16.95 -35.93
CA THR F 91 -26.23 18.04 -36.52
C THR F 91 -27.64 18.00 -35.95
N THR F 92 -28.06 19.11 -35.36
CA THR F 92 -29.38 19.20 -34.77
C THR F 92 -30.40 19.66 -35.81
N ASN F 93 -31.64 19.85 -35.36
CA ASN F 93 -32.71 20.22 -36.28
C ASN F 93 -32.53 21.63 -36.83
N THR F 94 -31.80 22.49 -36.13
CA THR F 94 -31.50 23.84 -36.61
C THR F 94 -30.26 23.89 -37.49
N GLY F 95 -29.64 22.74 -37.77
CA GLY F 95 -28.44 22.70 -38.59
C GLY F 95 -27.14 22.90 -37.84
N ASP F 96 -27.19 23.25 -36.55
CA ASP F 96 -25.98 23.47 -35.78
C ASP F 96 -25.19 22.18 -35.65
N GLN F 97 -23.87 22.28 -35.82
CA GLN F 97 -22.97 21.14 -35.75
C GLN F 97 -22.21 21.14 -34.42
N PHE F 98 -21.92 19.94 -33.93
CA PHE F 98 -21.17 19.76 -32.69
C PHE F 98 -20.21 18.60 -32.85
N VAL F 99 -19.13 18.63 -32.07
CA VAL F 99 -18.20 17.51 -31.98
C VAL F 99 -18.02 17.18 -30.51
N GLU F 100 -17.48 16.00 -30.22
CA GLU F 100 -17.22 15.63 -28.84
C GLU F 100 -16.10 16.50 -28.28
N HIS F 101 -16.30 16.99 -27.06
CA HIS F 101 -15.29 17.83 -26.44
C HIS F 101 -14.05 17.02 -26.12
N SER F 102 -12.89 17.69 -26.15
CA SER F 102 -11.64 17.01 -25.86
C SER F 102 -11.55 16.56 -24.41
N TYR F 103 -12.30 17.20 -23.51
CA TYR F 103 -12.27 16.84 -22.10
C TYR F 103 -13.16 15.65 -21.80
N ALA F 104 -13.85 15.12 -22.81
CA ALA F 104 -14.87 14.10 -22.58
C ALA F 104 -14.26 12.84 -21.98
N ASP F 105 -13.19 12.34 -22.60
CA ASP F 105 -12.61 11.09 -22.11
C ASP F 105 -11.89 11.27 -20.79
N TYR F 106 -11.42 12.47 -20.47
CA TYR F 106 -10.65 12.68 -19.26
C TYR F 106 -11.53 13.01 -18.05
N TYR F 107 -12.55 13.84 -18.24
CA TYR F 107 -13.54 14.05 -17.20
C TYR F 107 -14.56 12.92 -17.15
N ASN F 108 -14.61 12.07 -18.16
CA ASN F 108 -15.68 11.10 -18.36
C ASN F 108 -17.05 11.75 -18.13
N VAL F 109 -17.26 12.85 -18.84
CA VAL F 109 -18.53 13.56 -18.90
C VAL F 109 -18.89 13.71 -20.37
N GLU F 110 -20.16 13.56 -20.71
CA GLU F 110 -20.61 13.78 -22.08
C GLU F 110 -20.70 15.28 -22.31
N VAL F 111 -19.69 15.85 -22.96
CA VAL F 111 -19.65 17.27 -23.27
C VAL F 111 -19.34 17.43 -24.74
N TYR F 112 -19.80 18.54 -25.32
CA TYR F 112 -19.66 18.80 -26.74
C TYR F 112 -19.19 20.23 -26.98
N CYS F 113 -18.51 20.43 -28.11
CA CYS F 113 -18.02 21.73 -28.54
C CYS F 113 -18.72 22.07 -29.84
N LYS F 114 -19.20 23.29 -29.97
CA LYS F 114 -19.98 23.69 -31.15
C LYS F 114 -19.03 23.94 -32.31
N ALA F 115 -18.88 22.93 -33.17
CA ALA F 115 -18.02 22.98 -34.35
C ALA F 115 -18.79 23.54 -35.54
N ASP F 116 -18.81 24.87 -35.67
CA ASP F 116 -19.57 25.50 -36.75
C ASP F 116 -19.00 25.19 -38.13
N LEU F 117 -17.67 25.04 -38.23
CA LEU F 117 -17.00 24.90 -39.51
C LEU F 117 -16.47 23.48 -39.74
N VAL F 118 -16.92 22.51 -38.95
CA VAL F 118 -16.45 21.14 -39.10
C VAL F 118 -17.26 20.41 -40.17
N ALA G 1 15.21 -23.64 -17.69
CA ALA G 1 13.91 -22.97 -17.85
C ALA G 1 12.96 -23.86 -18.64
N GLY G 2 13.42 -24.39 -19.76
CA GLY G 2 12.63 -25.25 -20.61
C GLY G 2 12.94 -26.72 -20.33
N SER G 3 11.88 -27.53 -20.31
CA SER G 3 12.04 -28.98 -20.23
C SER G 3 11.32 -29.60 -21.42
N MET G 4 11.60 -29.11 -22.63
CA MET G 4 10.88 -29.58 -23.79
C MET G 4 11.54 -30.84 -24.37
N LYS G 5 10.83 -31.47 -25.29
CA LYS G 5 11.15 -32.83 -25.70
C LYS G 5 11.93 -32.89 -27.01
N LEU G 6 11.62 -32.02 -27.97
CA LEU G 6 12.42 -31.86 -29.17
C LEU G 6 13.44 -30.75 -29.00
N LEU G 7 14.68 -31.06 -29.37
CA LEU G 7 15.78 -30.11 -29.31
C LEU G 7 16.64 -30.33 -30.56
N ASN G 8 16.05 -30.11 -31.74
CA ASN G 8 16.78 -30.22 -33.00
C ASN G 8 18.06 -29.41 -32.92
N ILE G 9 19.16 -29.99 -33.40
CA ILE G 9 20.47 -29.39 -33.25
C ILE G 9 21.23 -29.44 -34.57
N LYS G 10 21.84 -28.32 -34.92
CA LYS G 10 22.71 -28.19 -36.08
C LYS G 10 23.90 -27.37 -35.59
N ILE G 11 25.06 -27.61 -36.18
CA ILE G 11 26.26 -26.92 -35.69
C ILE G 11 26.93 -26.20 -36.85
N ASN G 12 27.26 -24.92 -36.63
CA ASN G 12 28.04 -24.15 -37.58
C ASN G 12 29.14 -23.49 -36.82
N GLU G 13 29.84 -22.60 -37.44
CA GLU G 13 31.04 -22.16 -36.76
C GLU G 13 30.89 -20.93 -35.88
N PHE G 14 29.71 -20.34 -35.84
CA PHE G 14 29.53 -19.17 -35.02
C PHE G 14 28.65 -19.47 -33.81
N ALA G 15 27.99 -20.63 -33.81
CA ALA G 15 27.05 -20.99 -32.75
C ALA G 15 26.54 -22.40 -33.02
N VAL G 16 25.90 -22.95 -32.02
CA VAL G 16 25.07 -24.13 -32.15
C VAL G 16 23.65 -23.64 -32.35
N THR G 17 23.01 -24.12 -33.41
CA THR G 17 21.63 -23.77 -33.69
C THR G 17 20.75 -24.89 -33.14
N ALA G 18 19.63 -24.51 -32.55
CA ALA G 18 18.68 -25.47 -32.03
C ALA G 18 17.28 -24.97 -32.31
N ASN G 19 16.37 -25.89 -32.55
CA ASN G 19 14.96 -25.57 -32.68
C ASN G 19 14.24 -26.48 -31.71
N THR G 20 13.39 -25.89 -30.88
CA THR G 20 12.72 -26.65 -29.84
C THR G 20 11.32 -27.05 -30.28
N GLU G 21 10.73 -27.95 -29.49
CA GLU G 21 9.38 -28.43 -29.78
C GLU G 21 8.37 -27.30 -29.87
N ALA G 22 8.50 -26.29 -29.01
CA ALA G 22 7.53 -25.21 -28.91
C ALA G 22 7.62 -24.24 -30.09
N GLY G 23 8.63 -24.37 -30.94
CA GLY G 23 8.81 -23.47 -32.05
C GLY G 23 9.90 -22.45 -31.83
N ASP G 24 10.53 -22.44 -30.67
CA ASP G 24 11.61 -21.51 -30.40
C ASP G 24 12.84 -21.89 -31.21
N GLU G 25 13.62 -20.88 -31.59
CA GLU G 25 14.86 -21.08 -32.34
C GLU G 25 16.00 -20.47 -31.54
N LEU G 26 16.84 -21.34 -30.99
CA LEU G 26 18.00 -20.97 -30.20
C LEU G 26 19.24 -20.81 -31.09
N TYR G 27 19.98 -19.76 -30.85
CA TYR G 27 21.28 -19.52 -31.47
C TYR G 27 22.25 -19.33 -30.32
N LEU G 28 23.03 -20.35 -29.98
CA LEU G 28 23.85 -20.34 -28.78
C LEU G 28 25.32 -20.35 -29.20
N GLN G 29 26.05 -19.30 -28.85
CA GLN G 29 27.48 -19.28 -29.17
C GLN G 29 28.19 -20.14 -28.15
N LEU G 30 28.25 -21.44 -28.43
CA LEU G 30 28.85 -22.40 -27.51
C LEU G 30 30.31 -22.62 -27.86
N PRO G 31 31.18 -22.80 -26.85
CA PRO G 31 30.86 -22.82 -25.42
C PRO G 31 30.53 -21.45 -24.84
N HIS G 32 29.91 -21.45 -23.66
CA HIS G 32 29.44 -20.20 -23.05
C HIS G 32 30.62 -19.43 -22.49
N THR G 33 30.86 -18.24 -23.05
CA THR G 33 31.86 -17.30 -22.58
C THR G 33 31.21 -15.93 -22.47
N PRO G 34 31.88 -14.98 -21.81
CA PRO G 34 31.37 -13.59 -21.85
C PRO G 34 31.25 -13.04 -23.27
N ASP G 35 32.01 -13.59 -24.22
CA ASP G 35 31.90 -13.18 -25.62
C ASP G 35 30.70 -13.80 -26.29
N SER G 36 30.04 -14.76 -25.66
CA SER G 36 28.95 -15.47 -26.31
C SER G 36 27.71 -14.60 -26.27
N GLN G 37 26.98 -14.58 -27.38
CA GLN G 37 25.74 -13.84 -27.48
C GLN G 37 24.67 -14.76 -28.04
N HIS G 38 23.79 -15.22 -27.16
CA HIS G 38 22.74 -16.14 -27.53
C HIS G 38 21.47 -15.37 -27.86
N SER G 39 20.70 -15.92 -28.79
CA SER G 39 19.48 -15.28 -29.27
C SER G 39 18.34 -16.28 -29.24
N ILE G 40 17.17 -15.83 -28.79
CA ILE G 40 15.96 -16.64 -28.78
C ILE G 40 14.96 -15.99 -29.73
N ASN G 41 14.61 -16.70 -30.80
CA ASN G 41 13.69 -16.20 -31.81
C ASN G 41 14.09 -14.82 -32.29
N HIS G 42 15.35 -14.70 -32.68
CA HIS G 42 15.95 -13.46 -33.21
C HIS G 42 15.90 -12.30 -32.21
N GLU G 43 15.67 -12.58 -30.94
CA GLU G 43 15.84 -11.66 -29.83
C GLU G 43 16.96 -12.15 -28.94
N PRO G 44 17.69 -11.26 -28.27
CA PRO G 44 18.77 -11.73 -27.40
C PRO G 44 18.24 -12.67 -26.33
N LEU G 45 19.03 -13.71 -26.08
CA LEU G 45 18.69 -14.76 -25.13
C LEU G 45 19.63 -14.59 -23.95
N ASP G 46 19.04 -14.44 -22.80
CA ASP G 46 19.56 -13.87 -21.58
C ASP G 46 19.04 -14.58 -20.33
N ASP G 47 18.95 -15.91 -20.40
CA ASP G 47 18.86 -16.88 -19.30
C ASP G 47 20.13 -17.73 -19.34
N ASP G 48 21.15 -17.39 -18.55
CA ASP G 48 22.43 -18.09 -18.67
C ASP G 48 22.38 -19.53 -18.17
N ASP G 49 21.50 -19.83 -17.20
CA ASP G 49 21.41 -21.20 -16.68
C ASP G 49 20.83 -22.14 -17.73
N PHE G 50 19.82 -21.67 -18.47
CA PHE G 50 19.27 -22.47 -19.56
C PHE G 50 20.33 -22.77 -20.61
N VAL G 51 21.11 -21.74 -20.98
CA VAL G 51 22.10 -21.93 -22.03
C VAL G 51 23.18 -22.91 -21.58
N LYS G 52 23.55 -22.90 -20.30
CA LYS G 52 24.60 -23.82 -19.89
C LYS G 52 24.10 -25.24 -19.61
N GLU G 53 22.82 -25.41 -19.27
CA GLU G 53 22.34 -26.79 -19.18
C GLU G 53 22.11 -27.38 -20.57
N VAL G 54 21.67 -26.55 -21.52
CA VAL G 54 21.64 -27.00 -22.91
C VAL G 54 23.07 -27.23 -23.38
N GLN G 55 24.03 -26.51 -22.79
CA GLN G 55 25.42 -26.68 -23.19
C GLN G 55 25.99 -28.00 -22.71
N GLU G 56 25.56 -28.54 -21.57
CA GLU G 56 26.08 -29.90 -21.31
C GLU G 56 25.24 -30.98 -22.00
N ILE G 57 23.96 -30.71 -22.31
CA ILE G 57 23.28 -31.65 -23.19
C ILE G 57 24.01 -31.77 -24.53
N CYS G 58 24.50 -30.64 -25.04
CA CYS G 58 25.22 -30.67 -26.30
C CYS G 58 26.69 -31.05 -26.11
N ASP G 59 27.22 -30.84 -24.91
CA ASP G 59 28.57 -31.27 -24.56
C ASP G 59 28.72 -32.77 -24.64
N GLU G 60 27.70 -33.52 -24.21
CA GLU G 60 27.84 -34.95 -24.41
C GLU G 60 27.05 -35.50 -25.60
N TYR G 61 26.19 -34.70 -26.25
CA TYR G 61 25.65 -35.18 -27.52
C TYR G 61 26.74 -35.13 -28.58
N PHE G 62 27.39 -33.99 -28.73
CA PHE G 62 28.63 -33.96 -29.49
C PHE G 62 29.72 -34.40 -28.54
N GLY G 63 30.60 -35.30 -28.99
CA GLY G 63 31.66 -35.71 -28.07
C GLY G 63 31.09 -36.42 -26.88
N LYS G 64 30.72 -37.68 -27.10
CA LYS G 64 29.85 -38.49 -26.25
C LYS G 64 30.63 -39.32 -25.23
N GLY G 65 31.95 -39.22 -25.19
CA GLY G 65 32.67 -39.72 -24.04
C GLY G 65 33.53 -38.61 -23.46
N ASP G 66 34.12 -37.85 -24.38
CA ASP G 66 35.08 -36.79 -24.10
C ASP G 66 34.44 -35.43 -24.38
N ARG G 67 34.24 -34.63 -23.32
CA ARG G 67 33.74 -33.27 -23.54
C ARG G 67 34.72 -32.47 -24.39
N THR G 68 36.00 -32.85 -24.36
CA THR G 68 36.96 -32.21 -25.23
C THR G 68 36.58 -32.39 -26.69
N LEU G 69 35.99 -33.54 -27.03
CA LEU G 69 35.51 -33.73 -28.39
C LEU G 69 34.39 -32.76 -28.72
N ALA G 70 33.50 -32.50 -27.75
CA ALA G 70 32.43 -31.53 -27.99
C ALA G 70 32.98 -30.13 -28.19
N ARG G 71 33.97 -29.73 -27.39
CA ARG G 71 34.54 -28.40 -27.54
C ARG G 71 35.32 -28.27 -28.84
N LEU G 72 36.07 -29.31 -29.21
CA LEU G 72 36.77 -29.31 -30.48
C LEU G 72 35.80 -29.28 -31.66
N SER G 73 34.65 -29.92 -31.53
CA SER G 73 33.67 -29.89 -32.62
C SER G 73 32.97 -28.53 -32.69
N TYR G 74 32.72 -27.89 -31.54
CA TYR G 74 32.21 -26.53 -31.54
C TYR G 74 33.17 -25.62 -32.29
N ALA G 75 34.47 -25.73 -31.97
CA ALA G 75 35.46 -24.92 -32.65
C ALA G 75 35.55 -25.29 -34.13
N GLY G 76 35.27 -26.55 -34.48
CA GLY G 76 35.36 -27.04 -35.84
C GLY G 76 34.09 -26.97 -36.66
N GLY G 77 32.95 -26.68 -36.03
CA GLY G 77 31.71 -26.52 -36.77
C GLY G 77 31.09 -27.78 -37.33
N GLN G 78 31.49 -28.95 -36.85
CA GLN G 78 30.96 -30.22 -37.34
C GLN G 78 31.14 -31.26 -36.26
N ALA G 79 30.26 -32.27 -36.25
CA ALA G 79 30.30 -33.30 -35.23
C ALA G 79 31.45 -34.27 -35.52
N TYR G 80 32.53 -34.16 -34.77
CA TYR G 80 33.68 -35.05 -34.89
C TYR G 80 33.44 -36.33 -34.09
N ASP G 81 34.12 -37.39 -34.49
CA ASP G 81 33.99 -38.67 -33.78
C ASP G 81 35.08 -38.91 -32.75
N SER G 82 36.31 -38.52 -33.05
CA SER G 82 37.41 -38.65 -32.11
C SER G 82 38.56 -37.78 -32.59
N TYR G 83 39.59 -37.71 -31.74
CA TYR G 83 40.78 -36.91 -32.00
C TYR G 83 41.95 -37.53 -31.27
N THR G 84 43.14 -37.09 -31.68
CA THR G 84 44.37 -37.41 -30.98
C THR G 84 45.06 -36.10 -30.63
N GLU G 85 45.78 -36.13 -29.53
CA GLU G 85 46.53 -35.00 -29.03
C GLU G 85 47.85 -35.54 -28.53
N GLU G 86 48.92 -34.80 -28.78
CA GLU G 86 49.48 -34.17 -27.60
C GLU G 86 50.20 -32.94 -28.02
N ASP G 87 51.11 -32.57 -27.19
CA ASP G 87 52.04 -31.49 -27.37
C ASP G 87 51.25 -30.21 -27.19
N GLY G 88 50.01 -30.38 -26.75
CA GLY G 88 49.02 -29.38 -26.66
C GLY G 88 48.23 -29.21 -27.92
N VAL G 89 48.56 -29.97 -28.98
CA VAL G 89 47.83 -29.90 -30.24
C VAL G 89 46.97 -31.15 -30.42
N TYR G 90 45.71 -30.87 -30.78
CA TYR G 90 44.64 -31.80 -30.99
C TYR G 90 44.29 -31.83 -32.47
N THR G 91 44.44 -32.99 -33.10
CA THR G 91 44.07 -33.22 -34.49
C THR G 91 42.94 -34.24 -34.50
N THR G 92 41.81 -33.87 -35.09
CA THR G 92 40.66 -34.76 -35.19
C THR G 92 40.70 -35.57 -36.49
N ASN G 93 39.64 -36.36 -36.71
CA ASN G 93 39.62 -37.34 -37.79
C ASN G 93 39.59 -36.73 -39.19
N THR G 94 39.14 -35.50 -39.35
CA THR G 94 39.18 -34.87 -40.65
C THR G 94 40.53 -34.23 -40.95
N GLY G 95 41.49 -34.39 -40.05
CA GLY G 95 42.78 -33.76 -40.18
C GLY G 95 42.82 -32.37 -39.61
N ASP G 96 41.67 -31.82 -39.23
CA ASP G 96 41.62 -30.49 -38.65
C ASP G 96 42.31 -30.50 -37.28
N GLN G 97 43.19 -29.53 -37.09
CA GLN G 97 43.94 -29.37 -35.85
C GLN G 97 43.36 -28.19 -35.09
N PHE G 98 43.46 -28.25 -33.77
CA PHE G 98 43.01 -27.16 -32.92
C PHE G 98 43.98 -27.02 -31.76
N VAL G 99 44.04 -25.81 -31.20
CA VAL G 99 44.79 -25.61 -29.96
C VAL G 99 43.89 -24.89 -28.97
N GLU G 100 44.35 -24.78 -27.73
CA GLU G 100 43.56 -24.10 -26.71
C GLU G 100 43.44 -22.60 -27.04
N HIS G 101 42.23 -22.08 -26.89
CA HIS G 101 41.98 -20.67 -27.17
C HIS G 101 42.67 -19.79 -26.14
N SER G 102 43.01 -18.57 -26.56
CA SER G 102 43.70 -17.65 -25.66
C SER G 102 42.84 -17.23 -24.48
N TYR G 103 41.52 -17.31 -24.61
CA TYR G 103 40.62 -16.92 -23.53
C TYR G 103 40.37 -18.05 -22.54
N ALA G 104 40.93 -19.25 -22.79
CA ALA G 104 40.54 -20.42 -22.03
C ALA G 104 40.94 -20.31 -20.56
N ASP G 105 42.20 -19.94 -20.30
CA ASP G 105 42.69 -19.90 -18.92
C ASP G 105 42.08 -18.75 -18.13
N TYR G 106 41.59 -17.71 -18.81
CA TYR G 106 41.01 -16.55 -18.15
C TYR G 106 39.52 -16.70 -17.90
N TYR G 107 38.78 -17.28 -18.87
CA TYR G 107 37.40 -17.65 -18.63
C TYR G 107 37.26 -18.95 -17.85
N ASN G 108 38.35 -19.71 -17.74
CA ASN G 108 38.33 -21.08 -17.22
C ASN G 108 37.18 -21.89 -17.83
N VAL G 109 37.10 -21.85 -19.16
CA VAL G 109 36.20 -22.68 -19.94
C VAL G 109 37.02 -23.33 -21.04
N GLU G 110 36.70 -24.58 -21.36
CA GLU G 110 37.40 -25.30 -22.41
C GLU G 110 36.90 -24.84 -23.77
N VAL G 111 37.70 -23.98 -24.43
CA VAL G 111 37.42 -23.48 -25.76
C VAL G 111 38.67 -23.69 -26.60
N TYR G 112 38.48 -23.82 -27.91
CA TYR G 112 39.58 -24.14 -28.82
C TYR G 112 39.56 -23.23 -30.03
N CYS G 113 40.73 -23.05 -30.63
CA CYS G 113 40.92 -22.22 -31.80
C CYS G 113 41.33 -23.11 -32.96
N LYS G 114 40.71 -22.86 -34.12
CA LYS G 114 40.87 -23.65 -35.33
C LYS G 114 42.19 -23.30 -36.03
N ALA G 115 43.26 -23.76 -35.41
CA ALA G 115 44.60 -23.64 -35.97
C ALA G 115 44.93 -24.91 -36.74
N ASP G 116 45.26 -24.81 -38.01
CA ASP G 116 45.75 -25.99 -38.71
C ASP G 116 47.19 -25.88 -39.19
N LEU G 117 47.59 -24.71 -39.70
CA LEU G 117 48.94 -24.56 -40.22
C LEU G 117 49.95 -24.35 -39.09
N VAL G 118 49.95 -25.26 -38.11
CA VAL G 118 50.92 -25.24 -37.02
C VAL G 118 52.24 -25.83 -37.51
N GLY H 2 -39.52 31.80 25.95
CA GLY H 2 -39.19 30.60 26.69
C GLY H 2 -38.42 29.58 25.87
N SER H 3 -38.77 28.31 26.03
CA SER H 3 -38.13 27.24 25.27
C SER H 3 -39.15 26.55 24.38
N MET H 4 -38.72 26.17 23.18
CA MET H 4 -39.52 25.22 22.42
C MET H 4 -38.60 24.15 21.88
N LYS H 5 -39.22 23.08 21.38
CA LYS H 5 -38.53 21.81 21.12
C LYS H 5 -38.82 21.31 19.72
N LEU H 6 -37.88 21.61 18.84
CA LEU H 6 -37.78 21.11 17.48
C LEU H 6 -37.01 19.80 17.53
N LEU H 7 -37.64 18.73 17.05
CA LEU H 7 -37.05 17.41 17.26
C LEU H 7 -36.03 17.06 16.20
N ASN H 8 -36.41 17.02 14.94
CA ASN H 8 -35.43 16.66 13.92
C ASN H 8 -34.87 17.92 13.28
N ILE H 9 -33.55 17.98 13.15
CA ILE H 9 -32.87 19.17 12.65
C ILE H 9 -31.77 18.77 11.68
N LYS H 10 -31.75 19.38 10.50
CA LYS H 10 -30.65 19.20 9.55
C LYS H 10 -30.36 20.53 8.85
N ILE H 11 -29.12 20.67 8.40
CA ILE H 11 -28.64 21.93 7.83
C ILE H 11 -28.11 21.68 6.41
N ASN H 12 -28.51 22.54 5.46
CA ASN H 12 -27.90 22.54 4.12
C ASN H 12 -27.64 23.97 3.66
N GLU H 13 -27.36 24.14 2.36
CA GLU H 13 -26.99 25.43 1.78
C GLU H 13 -28.22 26.25 1.41
N PHE H 14 -29.46 25.71 1.55
CA PHE H 14 -30.66 26.45 1.14
C PHE H 14 -31.56 26.85 2.30
N ALA H 15 -31.50 26.13 3.41
CA ALA H 15 -32.42 26.34 4.51
C ALA H 15 -32.07 25.34 5.61
N VAL H 16 -32.60 25.55 6.80
CA VAL H 16 -32.55 24.56 7.85
C VAL H 16 -33.84 23.77 7.81
N THR H 17 -33.75 22.45 7.79
CA THR H 17 -34.93 21.61 7.83
C THR H 17 -35.18 21.12 9.26
N ALA H 18 -36.45 21.07 9.64
CA ALA H 18 -36.87 20.66 10.98
C ALA H 18 -38.16 19.85 10.91
N ASN H 19 -38.31 18.95 11.86
CA ASN H 19 -39.53 18.18 12.08
C ASN H 19 -39.94 18.47 13.52
N THR H 20 -41.18 18.92 13.67
CA THR H 20 -41.74 19.52 14.86
C THR H 20 -42.55 18.52 15.69
N GLU H 21 -43.13 19.07 16.73
CA GLU H 21 -43.94 18.35 17.68
C GLU H 21 -45.11 17.51 17.06
N ALA H 22 -45.79 17.97 15.98
CA ALA H 22 -46.87 17.14 15.40
C ALA H 22 -46.51 16.39 14.10
N GLY H 23 -45.31 16.59 13.55
CA GLY H 23 -44.95 15.99 12.27
C GLY H 23 -44.88 16.99 11.14
N ASP H 24 -45.20 18.25 11.40
CA ASP H 24 -45.08 19.26 10.36
C ASP H 24 -43.60 19.48 10.09
N GLU H 25 -43.29 19.87 8.86
CA GLU H 25 -41.91 19.98 8.42
C GLU H 25 -41.58 21.43 8.07
N LEU H 26 -40.69 22.03 8.85
CA LEU H 26 -40.22 23.39 8.65
C LEU H 26 -39.03 23.40 7.70
N TYR H 27 -39.04 24.32 6.75
CA TYR H 27 -37.94 24.55 5.84
C TYR H 27 -37.65 26.05 5.95
N LEU H 28 -36.54 26.40 6.62
CA LEU H 28 -36.28 27.76 7.09
C LEU H 28 -35.14 28.42 6.31
N GLN H 29 -35.43 29.46 5.54
CA GLN H 29 -34.35 30.20 4.89
C GLN H 29 -33.79 31.18 5.92
N LEU H 30 -32.91 30.65 6.77
CA LEU H 30 -32.28 31.35 7.90
C LEU H 30 -30.94 31.96 7.48
N PRO H 31 -30.58 33.13 8.01
CA PRO H 31 -31.38 33.93 8.97
C PRO H 31 -32.57 34.62 8.31
N HIS H 32 -33.52 35.07 9.11
CA HIS H 32 -34.76 35.66 8.60
C HIS H 32 -34.48 37.06 8.08
N THR H 33 -34.67 37.25 6.79
CA THR H 33 -34.57 38.54 6.10
C THR H 33 -35.78 38.69 5.20
N PRO H 34 -36.01 39.89 4.64
CA PRO H 34 -37.10 40.04 3.66
C PRO H 34 -37.01 39.10 2.46
N ASP H 35 -35.81 38.60 2.13
CA ASP H 35 -35.63 37.64 1.04
C ASP H 35 -36.02 36.22 1.43
N SER H 36 -36.30 35.98 2.71
CA SER H 36 -36.50 34.63 3.22
C SER H 36 -37.87 34.07 2.84
N GLN H 37 -37.87 32.77 2.59
CA GLN H 37 -39.08 31.99 2.29
C GLN H 37 -39.20 30.76 3.17
N HIS H 38 -40.09 30.79 4.15
CA HIS H 38 -40.30 29.63 4.98
C HIS H 38 -41.52 28.88 4.47
N SER H 39 -41.47 27.55 4.58
CA SER H 39 -42.54 26.70 4.08
C SER H 39 -42.90 25.68 5.15
N ILE H 40 -44.19 25.42 5.30
CA ILE H 40 -44.71 24.43 6.24
C ILE H 40 -45.40 23.35 5.42
N ASN H 41 -44.85 22.14 5.48
CA ASN H 41 -45.37 20.98 4.76
C ASN H 41 -45.66 21.31 3.29
N HIS H 42 -44.67 21.98 2.68
CA HIS H 42 -44.64 22.40 1.26
C HIS H 42 -45.86 23.25 0.89
N GLU H 43 -46.40 23.93 1.90
CA GLU H 43 -47.31 25.06 1.86
C GLU H 43 -46.55 26.27 2.39
N PRO H 44 -46.83 27.47 1.92
CA PRO H 44 -46.10 28.63 2.46
C PRO H 44 -46.38 28.85 3.94
N LEU H 45 -45.31 29.16 4.70
CA LEU H 45 -45.39 29.41 6.14
C LEU H 45 -44.92 30.84 6.42
N ASP H 46 -45.84 31.67 6.89
CA ASP H 46 -45.73 33.12 7.12
C ASP H 46 -46.39 33.56 8.44
N ASP H 47 -45.98 32.89 9.53
CA ASP H 47 -46.12 33.43 10.90
C ASP H 47 -44.69 33.86 11.24
N ASP H 48 -44.39 35.13 10.98
CA ASP H 48 -43.01 35.59 11.04
C ASP H 48 -42.46 35.68 12.46
N ASP H 49 -43.32 35.85 13.46
CA ASP H 49 -42.85 35.74 14.83
C ASP H 49 -42.55 34.29 15.19
N PHE H 50 -43.35 33.36 14.67
CA PHE H 50 -43.05 31.95 14.84
C PHE H 50 -41.68 31.61 14.27
N VAL H 51 -41.40 32.07 13.04
CA VAL H 51 -40.08 31.79 12.46
C VAL H 51 -38.97 32.52 13.19
N LYS H 52 -39.25 33.69 13.79
CA LYS H 52 -38.14 34.33 14.47
C LYS H 52 -37.81 33.64 15.79
N GLU H 53 -38.83 33.06 16.44
CA GLU H 53 -38.50 32.32 17.66
C GLU H 53 -37.95 30.92 17.38
N VAL H 54 -38.43 30.21 16.35
CA VAL H 54 -37.77 28.94 16.03
C VAL H 54 -36.40 29.19 15.42
N GLN H 55 -36.21 30.34 14.77
CA GLN H 55 -34.89 30.68 14.24
C GLN H 55 -33.95 30.95 15.37
N GLU H 56 -34.48 31.42 16.49
CA GLU H 56 -33.63 31.66 17.64
C GLU H 56 -33.36 30.37 18.43
N ILE H 57 -34.31 29.43 18.39
CA ILE H 57 -34.08 28.06 18.85
C ILE H 57 -32.97 27.43 18.02
N CYS H 58 -32.95 27.70 16.72
CA CYS H 58 -31.93 27.11 15.87
C CYS H 58 -30.62 27.85 16.01
N ASP H 59 -30.69 29.13 16.41
CA ASP H 59 -29.47 29.86 16.72
C ASP H 59 -28.75 29.26 17.91
N GLU H 60 -29.48 28.83 18.93
CA GLU H 60 -28.76 28.22 20.04
C GLU H 60 -28.60 26.72 19.88
N TYR H 61 -29.25 26.13 18.89
CA TYR H 61 -28.88 24.76 18.57
C TYR H 61 -27.58 24.69 17.77
N PHE H 62 -27.47 25.49 16.71
CA PHE H 62 -26.29 25.50 15.85
C PHE H 62 -25.13 26.36 16.34
N GLY H 63 -25.37 27.34 17.21
CA GLY H 63 -24.29 28.18 17.66
C GLY H 63 -24.10 28.19 19.17
N LYS H 64 -24.80 27.27 19.84
CA LYS H 64 -25.01 27.28 21.29
C LYS H 64 -24.78 28.65 21.90
N GLY H 65 -23.70 28.83 22.65
CA GLY H 65 -23.47 30.12 23.27
C GLY H 65 -23.33 31.29 22.30
N ASP H 66 -22.80 31.05 21.10
CA ASP H 66 -22.45 32.10 20.14
C ASP H 66 -23.44 32.14 18.97
N ARG H 67 -24.27 33.19 18.92
CA ARG H 67 -25.19 33.34 17.78
C ARG H 67 -24.43 33.59 16.48
N THR H 68 -23.25 34.21 16.55
CA THR H 68 -22.45 34.42 15.35
C THR H 68 -22.05 33.11 14.72
N LEU H 69 -21.74 32.11 15.55
CA LEU H 69 -21.38 30.79 15.04
C LEU H 69 -22.57 30.17 14.29
N ALA H 70 -23.79 30.34 14.82
CA ALA H 70 -24.97 29.84 14.13
C ALA H 70 -25.19 30.55 12.80
N ARG H 71 -24.95 31.86 12.75
CA ARG H 71 -25.13 32.58 11.50
C ARG H 71 -24.09 32.15 10.46
N LEU H 72 -22.84 31.96 10.89
CA LEU H 72 -21.83 31.43 9.99
C LEU H 72 -22.19 30.02 9.53
N SER H 73 -22.85 29.24 10.39
CA SER H 73 -23.25 27.90 10.02
C SER H 73 -24.37 27.91 9.01
N TYR H 74 -25.31 28.86 9.14
CA TYR H 74 -26.32 29.06 8.12
C TYR H 74 -25.67 29.41 6.78
N ALA H 75 -24.72 30.35 6.81
CA ALA H 75 -24.06 30.77 5.57
C ALA H 75 -23.24 29.65 4.95
N GLY H 76 -22.69 28.75 5.77
CA GLY H 76 -21.86 27.68 5.26
C GLY H 76 -22.58 26.40 4.94
N GLY H 77 -23.85 26.28 5.35
CA GLY H 77 -24.62 25.09 5.06
C GLY H 77 -24.27 23.88 5.90
N GLN H 78 -23.56 24.06 7.01
CA GLN H 78 -23.18 22.96 7.87
C GLN H 78 -22.90 23.48 9.27
N ALA H 79 -23.07 22.61 10.26
CA ALA H 79 -22.90 23.01 11.66
C ALA H 79 -21.42 23.16 11.98
N TYR H 80 -20.96 24.41 12.11
CA TYR H 80 -19.58 24.67 12.46
C TYR H 80 -19.37 24.55 13.97
N ASP H 81 -18.14 24.24 14.36
CA ASP H 81 -17.77 24.12 15.76
C ASP H 81 -17.08 25.35 16.32
N SER H 82 -16.29 26.06 15.52
CA SER H 82 -15.56 27.23 15.98
C SER H 82 -15.19 28.08 14.77
N TYR H 83 -14.72 29.29 15.06
CA TYR H 83 -14.30 30.22 14.03
C TYR H 83 -13.34 31.24 14.63
N THR H 84 -12.61 31.92 13.75
CA THR H 84 -11.79 33.07 14.11
C THR H 84 -12.15 34.23 13.19
N GLU H 85 -11.94 35.45 13.69
CA GLU H 85 -12.26 36.65 12.93
C GLU H 85 -11.05 37.56 12.91
N GLU H 86 -10.76 38.13 11.73
CA GLU H 86 -9.72 39.14 11.64
C GLU H 86 -10.03 40.08 10.49
N ASP H 87 -10.04 41.38 10.78
CA ASP H 87 -10.17 42.42 9.75
C ASP H 87 -11.47 42.26 8.95
N GLY H 88 -12.50 41.67 9.56
CA GLY H 88 -13.77 41.45 8.92
C GLY H 88 -13.93 40.12 8.21
N VAL H 89 -12.93 39.27 8.20
CA VAL H 89 -13.01 37.95 7.57
C VAL H 89 -13.10 36.88 8.65
N TYR H 90 -14.09 35.99 8.51
CA TYR H 90 -14.35 34.92 9.46
C TYR H 90 -13.96 33.60 8.83
N THR H 91 -13.04 32.88 9.49
CA THR H 91 -12.60 31.56 9.04
C THR H 91 -13.07 30.51 10.05
N THR H 92 -13.84 29.53 9.57
CA THR H 92 -14.37 28.49 10.43
C THR H 92 -13.42 27.30 10.51
N ASN H 93 -13.87 26.26 11.22
CA ASN H 93 -13.02 25.08 11.44
C ASN H 93 -12.78 24.29 10.16
N THR H 94 -13.67 24.40 9.17
CA THR H 94 -13.50 23.76 7.89
C THR H 94 -12.62 24.56 6.94
N GLY H 95 -12.11 25.72 7.38
CA GLY H 95 -11.32 26.57 6.53
C GLY H 95 -12.13 27.50 5.65
N ASP H 96 -13.45 27.34 5.63
CA ASP H 96 -14.31 28.21 4.84
C ASP H 96 -14.28 29.62 5.41
N GLN H 97 -14.13 30.61 4.53
CA GLN H 97 -14.06 32.00 4.92
C GLN H 97 -15.38 32.69 4.62
N PHE H 98 -15.72 33.67 5.45
CA PHE H 98 -16.96 34.43 5.30
C PHE H 98 -16.71 35.90 5.63
N VAL H 99 -17.55 36.76 5.05
CA VAL H 99 -17.63 38.17 5.40
C VAL H 99 -19.08 38.48 5.68
N GLU H 100 -19.35 39.66 6.23
CA GLU H 100 -20.74 40.04 6.46
C GLU H 100 -21.44 40.37 5.14
N HIS H 101 -22.68 39.91 5.01
CA HIS H 101 -23.49 40.07 3.79
C HIS H 101 -23.83 41.53 3.54
N SER H 102 -24.18 41.81 2.27
CA SER H 102 -24.47 43.19 1.86
C SER H 102 -25.68 43.78 2.59
N TYR H 103 -26.63 42.93 2.99
CA TYR H 103 -27.88 43.39 3.57
C TYR H 103 -27.81 43.58 5.08
N ALA H 104 -26.65 43.31 5.68
CA ALA H 104 -26.59 43.24 7.14
C ALA H 104 -26.96 44.57 7.77
N ASP H 105 -26.35 45.65 7.30
CA ASP H 105 -26.65 46.95 7.89
C ASP H 105 -28.02 47.49 7.48
N TYR H 106 -28.57 47.00 6.36
CA TYR H 106 -29.85 47.51 5.89
C TYR H 106 -31.04 46.74 6.45
N TYR H 107 -30.94 45.41 6.52
CA TYR H 107 -31.93 44.63 7.25
C TYR H 107 -31.66 44.65 8.74
N ASN H 108 -30.46 45.11 9.12
CA ASN H 108 -29.98 45.04 10.50
C ASN H 108 -30.25 43.67 11.11
N VAL H 109 -29.80 42.64 10.39
CA VAL H 109 -29.77 41.24 10.79
C VAL H 109 -28.34 40.76 10.56
N GLU H 110 -27.87 39.88 11.44
CA GLU H 110 -26.56 39.29 11.27
C GLU H 110 -26.62 38.21 10.19
N VAL H 111 -26.17 38.55 8.98
CA VAL H 111 -26.13 37.62 7.86
C VAL H 111 -24.72 37.65 7.27
N TYR H 112 -24.33 36.54 6.64
CA TYR H 112 -22.97 36.38 6.15
C TYR H 112 -22.96 35.84 4.73
N CYS H 113 -21.92 36.20 4.00
CA CYS H 113 -21.67 35.78 2.62
C CYS H 113 -20.38 34.98 2.61
N LYS H 114 -20.38 33.86 1.90
CA LYS H 114 -19.19 33.02 1.87
C LYS H 114 -18.16 33.65 0.92
N ALA H 115 -16.95 33.87 1.44
CA ALA H 115 -15.88 34.51 0.70
C ALA H 115 -14.59 33.70 0.88
N ASP H 116 -14.52 32.55 0.22
CA ASP H 116 -13.35 31.68 0.33
C ASP H 116 -12.15 32.20 -0.45
N LEU H 117 -12.29 33.31 -1.19
CA LEU H 117 -11.21 33.84 -2.01
C LEU H 117 -10.62 35.12 -1.44
N VAL H 118 -10.95 35.47 -0.20
CA VAL H 118 -10.40 36.68 0.41
C VAL H 118 -9.28 36.35 1.39
#